data_2R05
#
_entry.id   2R05
#
_cell.length_a   146.090
_cell.length_b   99.440
_cell.length_c   73.543
_cell.angle_alpha   90.000
_cell.angle_beta   107.290
_cell.angle_gamma   90.000
#
_symmetry.space_group_name_H-M   'C 1 2 1'
#
loop_
_entity.id
_entity.type
_entity.pdbx_description
1 polymer 'Programmed cell death 6-interacting protein'
2 polymer p6-Gag
3 water water
#
loop_
_entity_poly.entity_id
_entity_poly.type
_entity_poly.pdbx_seq_one_letter_code
_entity_poly.pdbx_strand_id
1 'polypeptide(L)'
;ATFISVQLKKTSEVDLAKPLVKFIQQTYPSGGEEQAQYCRAAEELSKLRRAAVGRPLDKHEGALETLLRYYDQICSIEPK
FPFSENQICLTFTWKDAFDKGSLFGGSVKLALASLGYEKSCVLFNCAALASQIAAEQNLDNDEGLKIAAKHYQFASGAFL
HIKETVLSALSREPTVDISPDTVGTLSLIMLAQAQEVFFLKATRDKMKDAIIAKLANQAADYFGDAFKQCQYKDTLPKEV
FPVLAAKHCIMQANAEYHQSILAKQQYYFGEEIARLQHAAELIKTVASRYDEYVNVKDFSDKINRALAAAKKDNDFIYHD
RVPDLKDLDPIGKATLVKSTPVNVPISQKFTDLFEKMVPVSVQQSLAAYNQRKADLVNRSIAQMREATTLANGVLASLNL
PAAIEDVSGDTVPQSILTKSRSVIEQGGIQTVDQLIKELPELLQRNREILDESLRLLDEEEATDNDLRAKFKERWQRTPS
NELYKPLRAEGTNFRTVLDKAVQADGQVKECYQSHRDTIVLLCKPEPELNAAIPSANPAKTMQGSEVVNVLKSLLSNLDE
VKKEREGLENDLKSVNFDMTSKFLTALAQDGVINEEALSVTELDRVYGGLTTKVQESLKKQEGLLKNIQVSHQEFSKMKQ
SNNEANLREEVLKNLATAYDNFVELVANLKEGTKFYNELTEILVRFQNKCSDIVFAR
;
A
2 'polypeptide(L)' ELYPLASLRSL B
#
# COMPACT_ATOMS: atom_id res chain seq x y z
N ALA A 1 6.14 -47.37 -20.20
CA ALA A 1 5.98 -46.52 -18.99
C ALA A 1 4.96 -45.38 -19.21
N THR A 2 4.07 -45.18 -18.24
CA THR A 2 2.97 -44.20 -18.36
C THR A 2 2.63 -43.54 -17.02
N PHE A 3 2.72 -42.21 -17.00
CA PHE A 3 2.58 -41.41 -15.81
C PHE A 3 1.61 -40.34 -16.14
N ILE A 4 0.87 -39.87 -15.14
CA ILE A 4 -0.13 -38.86 -15.37
C ILE A 4 0.55 -37.52 -15.37
N SER A 5 0.26 -36.67 -16.35
CA SER A 5 0.60 -35.24 -16.23
C SER A 5 -0.65 -34.38 -16.44
N VAL A 6 -0.51 -33.10 -16.13
CA VAL A 6 -1.61 -32.16 -16.27
C VAL A 6 -1.29 -31.13 -17.37
N GLN A 7 -2.31 -30.80 -18.14
CA GLN A 7 -2.19 -29.78 -19.19
C GLN A 7 -2.29 -28.36 -18.66
N LEU A 8 -1.64 -27.42 -19.33
CA LEU A 8 -1.70 -26.03 -18.92
C LEU A 8 -3.06 -25.33 -19.17
N LYS A 9 -3.36 -24.35 -18.30
CA LYS A 9 -4.48 -23.43 -18.46
C LYS A 9 -4.15 -22.35 -19.48
N LYS A 10 -5.13 -22.02 -20.31
CA LYS A 10 -4.99 -20.96 -21.32
C LYS A 10 -5.47 -19.63 -20.74
N THR A 11 -4.77 -18.56 -21.12
CA THR A 11 -5.13 -17.17 -20.76
C THR A 11 -5.28 -16.35 -22.02
N SER A 12 -6.05 -15.27 -21.92
CA SER A 12 -6.00 -14.20 -22.91
C SER A 12 -4.90 -13.23 -22.51
N GLU A 13 -4.27 -12.60 -23.50
CA GLU A 13 -3.23 -11.62 -23.25
C GLU A 13 -3.80 -10.31 -22.73
N VAL A 14 -3.16 -9.75 -21.71
CA VAL A 14 -3.57 -8.48 -21.12
C VAL A 14 -2.38 -7.55 -20.92
N ASP A 15 -2.60 -6.26 -21.15
CA ASP A 15 -1.59 -5.24 -20.94
C ASP A 15 -1.42 -5.01 -19.43
N LEU A 16 -0.35 -5.56 -18.87
CA LEU A 16 0.00 -5.34 -17.46
C LEU A 16 0.53 -3.93 -17.30
N ALA A 17 1.35 -3.51 -18.26
CA ALA A 17 2.12 -2.26 -18.20
C ALA A 17 1.33 -0.99 -17.89
N LYS A 18 0.31 -0.72 -18.71
CA LYS A 18 -0.34 0.59 -18.71
C LYS A 18 -1.26 0.94 -17.52
N PRO A 19 -2.06 -0.03 -17.01
CA PRO A 19 -2.73 0.22 -15.72
C PRO A 19 -1.78 0.43 -14.54
N LEU A 20 -0.63 -0.26 -14.54
CA LEU A 20 0.38 -0.08 -13.48
C LEU A 20 1.15 1.23 -13.61
N VAL A 21 1.42 1.63 -14.85
CA VAL A 21 2.09 2.90 -15.15
C VAL A 21 1.22 4.09 -14.72
N LYS A 22 -0.09 3.99 -14.94
CA LYS A 22 -1.05 5.00 -14.47
C LYS A 22 -0.89 5.31 -12.98
N PHE A 23 -0.74 4.27 -12.16
CA PHE A 23 -0.49 4.44 -10.73
C PHE A 23 0.90 5.02 -10.45
N ILE A 24 1.94 4.37 -10.97
CA ILE A 24 3.33 4.78 -10.74
C ILE A 24 3.53 6.29 -10.87
N GLN A 25 3.01 6.84 -11.97
CA GLN A 25 3.14 8.27 -12.28
C GLN A 25 2.31 9.15 -11.34
N GLN A 26 1.16 8.66 -10.90
CA GLN A 26 0.31 9.40 -9.97
C GLN A 26 0.85 9.36 -8.53
N THR A 27 1.92 8.60 -8.33
CA THR A 27 2.50 8.36 -7.01
C THR A 27 3.79 9.17 -6.79
N TYR A 28 4.61 9.27 -7.83
CA TYR A 28 5.93 9.89 -7.73
C TYR A 28 6.08 11.14 -8.63
N PRO A 29 7.01 12.05 -8.28
CA PRO A 29 7.19 13.30 -9.03
C PRO A 29 7.56 13.10 -10.51
N SER A 30 6.70 13.55 -11.40
CA SER A 30 6.82 13.34 -12.84
C SER A 30 8.13 13.88 -13.43
N GLY A 31 8.82 13.04 -14.19
CA GLY A 31 10.09 13.39 -14.81
C GLY A 31 11.29 13.08 -13.92
N GLY A 32 11.09 12.16 -12.97
CA GLY A 32 12.13 11.78 -12.03
C GLY A 32 12.55 10.32 -12.12
N GLU A 33 13.66 10.00 -11.44
CA GLU A 33 14.22 8.65 -11.44
C GLU A 33 13.30 7.64 -10.73
N GLU A 34 12.60 8.12 -9.69
CA GLU A 34 11.68 7.30 -8.89
C GLU A 34 10.35 7.06 -9.65
N GLN A 35 10.42 7.24 -10.97
CA GLN A 35 9.29 7.08 -11.86
C GLN A 35 9.82 6.55 -13.20
N ALA A 36 11.10 6.82 -13.47
CA ALA A 36 11.78 6.33 -14.65
C ALA A 36 11.99 4.80 -14.61
N GLN A 37 12.62 4.31 -13.53
CA GLN A 37 12.95 2.89 -13.42
C GLN A 37 11.76 1.95 -13.22
N TYR A 38 10.63 2.49 -12.78
CA TYR A 38 9.43 1.69 -12.53
C TYR A 38 8.56 1.46 -13.78
N CYS A 39 8.65 2.38 -14.74
CA CYS A 39 7.96 2.21 -16.03
C CYS A 39 8.71 1.23 -16.93
N ARG A 40 10.04 1.29 -16.83
CA ARG A 40 10.93 0.31 -17.46
C ARG A 40 10.70 -1.09 -16.87
N ALA A 41 10.29 -1.14 -15.61
CA ALA A 41 10.01 -2.38 -14.93
C ALA A 41 8.64 -2.96 -15.31
N ALA A 42 7.60 -2.12 -15.26
CA ALA A 42 6.21 -2.55 -15.56
C ALA A 42 5.98 -3.00 -17.01
N GLU A 43 6.87 -2.60 -17.91
CA GLU A 43 6.75 -2.98 -19.31
C GLU A 43 7.48 -4.30 -19.56
N GLU A 44 8.62 -4.48 -18.88
CA GLU A 44 9.35 -5.74 -18.91
C GLU A 44 8.54 -6.83 -18.22
N LEU A 45 7.73 -6.43 -17.24
CA LEU A 45 6.80 -7.31 -16.54
C LEU A 45 5.70 -7.81 -17.48
N SER A 46 5.21 -6.91 -18.33
CA SER A 46 4.16 -7.23 -19.29
C SER A 46 4.70 -8.19 -20.35
N LYS A 47 5.94 -7.96 -20.76
CA LYS A 47 6.63 -8.82 -21.73
C LYS A 47 6.83 -10.22 -21.14
N LEU A 48 7.27 -10.27 -19.89
CA LEU A 48 7.51 -11.51 -19.19
C LEU A 48 6.26 -12.38 -19.10
N ARG A 49 5.11 -11.78 -18.77
CA ARG A 49 3.83 -12.47 -18.79
C ARG A 49 3.52 -13.09 -20.15
N ARG A 50 3.91 -12.37 -21.22
CA ARG A 50 3.68 -12.86 -22.58
C ARG A 50 4.51 -14.10 -22.85
N ALA A 51 5.77 -14.10 -22.43
CA ALA A 51 6.64 -15.26 -22.59
C ALA A 51 6.25 -16.45 -21.69
N ALA A 52 5.55 -16.18 -20.59
CA ALA A 52 5.24 -17.20 -19.58
C ALA A 52 3.92 -17.92 -19.81
N VAL A 53 3.06 -17.31 -20.63
CA VAL A 53 1.63 -17.58 -20.59
C VAL A 53 1.01 -17.39 -21.97
N GLY A 54 1.65 -16.54 -22.78
CA GLY A 54 1.11 -16.13 -24.07
C GLY A 54 0.97 -17.23 -25.10
N ARG A 55 1.71 -18.32 -24.91
CA ARG A 55 1.57 -19.51 -25.74
C ARG A 55 1.89 -20.79 -24.97
N PRO A 56 0.92 -21.73 -24.92
CA PRO A 56 1.24 -23.08 -24.43
C PRO A 56 2.02 -23.84 -25.52
N LEU A 57 3.35 -23.88 -25.37
CA LEU A 57 4.22 -24.44 -26.39
C LEU A 57 5.40 -25.26 -25.82
N ASP A 58 6.45 -24.56 -25.38
CA ASP A 58 7.69 -25.19 -24.92
C ASP A 58 7.45 -26.18 -23.78
N LYS A 59 8.36 -27.14 -23.61
CA LYS A 59 8.11 -28.32 -22.77
C LYS A 59 9.38 -28.82 -22.05
N HIS A 60 10.30 -27.91 -21.74
CA HIS A 60 11.44 -28.26 -20.88
C HIS A 60 11.78 -27.12 -19.91
N GLU A 61 12.86 -27.29 -19.15
CA GLU A 61 13.18 -26.41 -18.00
C GLU A 61 13.55 -24.97 -18.35
N GLY A 62 13.85 -24.71 -19.62
CA GLY A 62 14.00 -23.34 -20.13
C GLY A 62 12.71 -22.55 -19.92
N ALA A 63 11.60 -23.06 -20.46
CA ALA A 63 10.29 -22.42 -20.33
C ALA A 63 9.71 -22.49 -18.90
N LEU A 64 10.14 -23.49 -18.13
CA LEU A 64 9.70 -23.60 -16.75
C LEU A 64 10.24 -22.47 -15.88
N GLU A 65 11.55 -22.22 -15.93
CA GLU A 65 12.16 -21.09 -15.18
C GLU A 65 11.48 -19.74 -15.48
N THR A 66 11.13 -19.51 -16.74
CA THR A 66 10.40 -18.32 -17.16
C THR A 66 9.05 -18.22 -16.44
N LEU A 67 8.33 -19.34 -16.35
CA LEU A 67 7.09 -19.43 -15.57
C LEU A 67 7.29 -19.16 -14.09
N LEU A 68 8.31 -19.82 -13.53
CA LEU A 68 8.68 -19.63 -12.12
C LEU A 68 9.09 -18.19 -11.89
N ARG A 69 9.94 -17.65 -12.78
CA ARG A 69 10.33 -16.24 -12.76
C ARG A 69 9.09 -15.37 -12.67
N TYR A 70 8.10 -15.66 -13.51
CA TYR A 70 6.91 -14.85 -13.54
C TYR A 70 6.11 -14.97 -12.23
N TYR A 71 5.94 -16.19 -11.74
CA TYR A 71 5.32 -16.39 -10.43
C TYR A 71 5.96 -15.53 -9.33
N ASP A 72 7.29 -15.59 -9.23
CA ASP A 72 8.03 -14.88 -8.19
C ASP A 72 7.86 -13.38 -8.31
N GLN A 73 7.88 -12.89 -9.54
CA GLN A 73 7.74 -11.48 -9.81
C GLN A 73 6.34 -11.00 -9.46
N ILE A 74 5.31 -11.71 -9.90
CA ILE A 74 3.94 -11.34 -9.55
C ILE A 74 3.72 -11.32 -8.04
N CYS A 75 4.29 -12.28 -7.31
CA CYS A 75 4.19 -12.29 -5.85
C CYS A 75 4.94 -11.12 -5.18
N SER A 76 5.95 -10.60 -5.86
CA SER A 76 6.75 -9.48 -5.35
C SER A 76 6.06 -8.12 -5.54
N ILE A 77 5.23 -8.05 -6.58
CA ILE A 77 4.45 -6.87 -6.94
C ILE A 77 3.30 -6.60 -5.96
N GLU A 78 2.69 -7.66 -5.43
CA GLU A 78 1.46 -7.54 -4.62
C GLU A 78 1.49 -6.50 -3.50
N PRO A 79 2.55 -6.50 -2.66
CA PRO A 79 2.58 -5.54 -1.54
C PRO A 79 2.90 -4.11 -1.96
N LYS A 80 3.31 -3.93 -3.22
CA LYS A 80 3.45 -2.61 -3.78
C LYS A 80 2.05 -2.19 -4.27
N PHE A 81 1.90 -1.90 -5.56
CA PHE A 81 0.62 -1.45 -6.17
C PHE A 81 -0.63 -1.88 -5.40
N PRO A 82 -1.59 -0.96 -5.20
CA PRO A 82 -2.75 -1.29 -4.36
C PRO A 82 -3.75 -2.22 -5.04
N PHE A 83 -3.56 -3.51 -4.84
CA PHE A 83 -4.50 -4.54 -5.32
C PHE A 83 -5.53 -4.87 -4.25
N SER A 84 -5.07 -4.91 -3.00
CA SER A 84 -5.94 -5.11 -1.84
C SER A 84 -6.82 -3.86 -1.56
N GLU A 85 -7.32 -3.25 -2.64
CA GLU A 85 -8.15 -2.04 -2.56
C GLU A 85 -8.84 -1.81 -3.92
N ASN A 86 -9.55 -2.83 -4.41
CA ASN A 86 -10.19 -2.85 -5.73
C ASN A 86 -10.51 -1.50 -6.39
N GLN A 87 -9.74 -1.16 -7.42
CA GLN A 87 -10.03 -0.01 -8.31
C GLN A 87 -9.23 -0.03 -9.62
N ILE A 88 -8.27 -0.96 -9.73
CA ILE A 88 -7.54 -1.17 -10.98
C ILE A 88 -8.29 -2.20 -11.83
N CYS A 89 -8.69 -1.77 -13.03
CA CYS A 89 -9.48 -2.61 -13.94
C CYS A 89 -8.66 -3.60 -14.75
N LEU A 90 -7.46 -3.89 -14.26
CA LEU A 90 -6.64 -4.98 -14.77
C LEU A 90 -7.30 -6.29 -14.36
N THR A 91 -8.03 -6.89 -15.30
CA THR A 91 -8.75 -8.12 -15.05
C THR A 91 -8.17 -9.29 -15.86
N PHE A 92 -7.85 -10.36 -15.15
CA PHE A 92 -7.22 -11.54 -15.72
C PHE A 92 -8.26 -12.57 -16.12
N THR A 93 -8.04 -13.20 -17.27
CA THR A 93 -8.97 -14.18 -17.82
C THR A 93 -8.31 -15.52 -18.18
N TRP A 94 -8.76 -16.58 -17.51
CA TRP A 94 -8.22 -17.92 -17.72
C TRP A 94 -9.31 -18.93 -18.10
N LYS A 95 -8.91 -19.94 -18.85
CA LYS A 95 -9.75 -21.08 -19.14
C LYS A 95 -9.53 -22.18 -18.12
N ASP A 96 -10.56 -22.98 -17.87
CA ASP A 96 -10.39 -24.22 -17.13
C ASP A 96 -9.40 -25.10 -17.89
N ALA A 97 -8.56 -25.80 -17.14
CA ALA A 97 -7.58 -26.75 -17.69
C ALA A 97 -8.21 -27.97 -18.36
N PHE A 98 -9.25 -28.52 -17.75
CA PHE A 98 -9.79 -29.84 -18.12
C PHE A 98 -11.08 -29.79 -18.96
N ASP A 99 -11.48 -28.59 -19.39
CA ASP A 99 -12.77 -28.35 -20.06
C ASP A 99 -13.91 -28.76 -19.11
N LYS A 100 -13.72 -28.47 -17.83
CA LYS A 100 -14.59 -28.97 -16.76
C LYS A 100 -15.33 -27.87 -16.00
N GLY A 101 -16.59 -28.15 -15.71
CA GLY A 101 -17.39 -27.30 -14.85
C GLY A 101 -18.39 -28.14 -14.07
N SER A 102 -19.20 -27.46 -13.26
CA SER A 102 -20.35 -28.10 -12.60
C SER A 102 -21.65 -27.90 -13.40
N LEU A 103 -21.51 -27.64 -14.71
CA LEU A 103 -22.63 -27.56 -15.65
C LEU A 103 -22.30 -28.21 -17.01
N PHE A 104 -23.35 -28.62 -17.75
CA PHE A 104 -23.21 -29.34 -19.03
C PHE A 104 -22.65 -28.46 -20.17
N GLY A 105 -21.33 -28.41 -20.28
CA GLY A 105 -20.68 -27.53 -21.26
C GLY A 105 -19.69 -28.20 -22.21
N GLY A 106 -18.76 -27.40 -22.71
CA GLY A 106 -17.65 -27.86 -23.55
C GLY A 106 -16.39 -27.15 -23.12
N SER A 107 -16.56 -25.93 -22.60
CA SER A 107 -15.49 -25.08 -22.07
C SER A 107 -16.11 -24.06 -21.10
N VAL A 108 -15.30 -23.55 -20.16
CA VAL A 108 -15.77 -22.46 -19.29
C VAL A 108 -14.62 -21.54 -18.89
N LYS A 109 -14.90 -20.24 -18.92
CA LYS A 109 -13.93 -19.21 -18.60
C LYS A 109 -14.31 -18.49 -17.31
N LEU A 110 -13.34 -17.77 -16.76
CA LEU A 110 -13.53 -16.93 -15.59
C LEU A 110 -12.60 -15.73 -15.70
N ALA A 111 -13.20 -14.57 -15.93
CA ALA A 111 -12.48 -13.29 -15.91
C ALA A 111 -12.55 -12.77 -14.49
N LEU A 112 -11.40 -12.49 -13.89
CA LEU A 112 -11.41 -11.91 -12.57
C LEU A 112 -10.37 -10.81 -12.41
N ALA A 113 -10.77 -9.75 -11.72
CA ALA A 113 -9.91 -8.61 -11.38
C ALA A 113 -9.21 -8.84 -10.03
N SER A 114 -8.28 -9.79 -10.01
CA SER A 114 -7.54 -10.12 -8.79
C SER A 114 -6.17 -10.75 -9.07
N LEU A 115 -5.19 -10.35 -8.27
CA LEU A 115 -3.85 -10.87 -8.38
C LEU A 115 -3.81 -12.26 -7.77
N GLY A 116 -4.71 -12.50 -6.83
CA GLY A 116 -4.83 -13.81 -6.22
C GLY A 116 -5.32 -14.87 -7.18
N TYR A 117 -6.00 -14.45 -8.25
CA TYR A 117 -6.46 -15.37 -9.27
C TYR A 117 -5.31 -15.62 -10.22
N GLU A 118 -4.71 -14.54 -10.69
CA GLU A 118 -3.51 -14.60 -11.52
C GLU A 118 -2.43 -15.53 -10.95
N LYS A 119 -2.17 -15.45 -9.65
CA LYS A 119 -1.07 -16.22 -9.09
C LYS A 119 -1.39 -17.70 -8.82
N SER A 120 -2.66 -18.00 -8.55
CA SER A 120 -3.07 -19.40 -8.43
C SER A 120 -2.91 -20.11 -9.77
N CYS A 121 -3.35 -19.43 -10.82
CA CYS A 121 -3.32 -19.96 -12.18
C CYS A 121 -1.89 -20.14 -12.71
N VAL A 122 -1.03 -19.13 -12.51
CA VAL A 122 0.39 -19.25 -12.84
C VAL A 122 0.99 -20.43 -12.06
N LEU A 123 0.74 -20.48 -10.76
CA LEU A 123 1.23 -21.60 -9.97
C LEU A 123 0.78 -22.94 -10.52
N PHE A 124 -0.49 -23.03 -10.93
CA PHE A 124 -1.06 -24.28 -11.45
C PHE A 124 -0.32 -24.69 -12.69
N ASN A 125 0.00 -23.71 -13.53
CA ASN A 125 0.70 -23.95 -14.79
C ASN A 125 2.16 -24.36 -14.51
N CYS A 126 2.77 -23.73 -13.50
CA CYS A 126 4.11 -24.12 -13.03
C CYS A 126 4.10 -25.60 -12.66
N ALA A 127 3.07 -25.98 -11.89
CA ALA A 127 2.88 -27.35 -11.42
C ALA A 127 2.72 -28.29 -12.62
N ALA A 128 1.94 -27.83 -13.60
CA ALA A 128 1.50 -28.73 -14.67
C ALA A 128 2.68 -28.97 -15.60
N LEU A 129 3.33 -27.89 -15.99
CA LEU A 129 4.55 -28.01 -16.76
C LEU A 129 5.59 -28.88 -16.05
N ALA A 130 5.78 -28.69 -14.76
CA ALA A 130 6.61 -29.61 -14.01
C ALA A 130 6.17 -31.08 -14.16
N SER A 131 4.88 -31.36 -14.05
CA SER A 131 4.43 -32.73 -14.19
C SER A 131 4.78 -33.27 -15.58
N GLN A 132 4.59 -32.46 -16.60
CA GLN A 132 4.94 -32.89 -17.97
C GLN A 132 6.43 -33.15 -18.18
N ILE A 133 7.29 -32.30 -17.60
CA ILE A 133 8.73 -32.51 -17.70
C ILE A 133 9.09 -33.82 -16.99
N ALA A 134 8.56 -34.02 -15.78
CA ALA A 134 8.77 -35.27 -15.05
C ALA A 134 8.37 -36.52 -15.85
N ALA A 135 7.16 -36.51 -16.43
CA ALA A 135 6.66 -37.67 -17.19
C ALA A 135 7.53 -38.01 -18.40
N GLU A 136 8.21 -37.01 -18.93
CA GLU A 136 9.01 -37.15 -20.14
C GLU A 136 10.37 -37.79 -19.82
N GLN A 137 10.72 -37.86 -18.55
CA GLN A 137 12.06 -38.30 -18.15
C GLN A 137 12.38 -39.74 -18.52
N ASN A 138 13.63 -39.97 -18.92
CA ASN A 138 14.14 -41.33 -19.12
C ASN A 138 14.48 -41.97 -17.77
N LEU A 139 13.69 -42.96 -17.38
CA LEU A 139 13.85 -43.59 -16.05
C LEU A 139 14.84 -44.77 -15.99
N ASP A 140 15.54 -44.98 -17.11
CA ASP A 140 16.66 -45.90 -17.19
C ASP A 140 17.92 -45.25 -16.61
N ASN A 141 17.80 -43.96 -16.30
CA ASN A 141 18.92 -43.06 -16.22
C ASN A 141 18.93 -42.26 -14.91
N ASP A 142 20.10 -42.09 -14.31
CA ASP A 142 20.16 -41.49 -12.96
C ASP A 142 19.76 -40.01 -12.88
N GLU A 143 20.05 -39.24 -13.92
CA GLU A 143 19.56 -37.85 -13.99
C GLU A 143 18.04 -37.77 -14.22
N GLY A 144 17.51 -38.68 -15.02
CA GLY A 144 16.07 -38.82 -15.25
C GLY A 144 15.25 -39.07 -13.98
N LEU A 145 15.60 -40.13 -13.26
CA LEU A 145 15.02 -40.44 -11.96
C LEU A 145 14.98 -39.23 -11.07
N LYS A 146 16.12 -38.59 -10.96
CA LYS A 146 16.31 -37.47 -10.09
C LYS A 146 15.48 -36.25 -10.49
N ILE A 147 15.46 -35.94 -11.79
CA ILE A 147 14.71 -34.80 -12.28
C ILE A 147 13.21 -35.10 -12.17
N ALA A 148 12.84 -36.36 -12.34
CA ALA A 148 11.43 -36.74 -12.20
C ALA A 148 10.99 -36.64 -10.74
N ALA A 149 11.85 -37.08 -9.82
CA ALA A 149 11.54 -37.10 -8.40
C ALA A 149 11.45 -35.70 -7.84
N LYS A 150 12.12 -34.77 -8.48
CA LYS A 150 12.17 -33.40 -7.96
C LYS A 150 11.00 -32.60 -8.55
N HIS A 151 10.72 -32.84 -9.81
CA HIS A 151 9.55 -32.24 -10.42
C HIS A 151 8.20 -32.72 -9.86
N TYR A 152 8.04 -34.01 -9.52
CA TYR A 152 6.74 -34.44 -8.98
C TYR A 152 6.53 -33.89 -7.60
N GLN A 153 7.62 -33.78 -6.83
CA GLN A 153 7.49 -33.23 -5.51
C GLN A 153 7.31 -31.77 -5.58
N PHE A 154 7.83 -31.13 -6.62
CA PHE A 154 7.48 -29.72 -6.83
C PHE A 154 6.00 -29.57 -7.22
N ALA A 155 5.52 -30.40 -8.12
CA ALA A 155 4.14 -30.25 -8.58
C ALA A 155 3.16 -30.50 -7.43
N SER A 156 3.41 -31.55 -6.68
CA SER A 156 2.61 -31.88 -5.53
C SER A 156 2.54 -30.71 -4.58
N GLY A 157 3.70 -30.08 -4.30
CA GLY A 157 3.74 -28.96 -3.37
C GLY A 157 3.07 -27.73 -3.95
N ALA A 158 3.24 -27.49 -5.25
CA ALA A 158 2.64 -26.32 -5.86
C ALA A 158 1.10 -26.51 -5.86
N PHE A 159 0.66 -27.68 -6.26
CA PHE A 159 -0.75 -28.03 -6.23
C PHE A 159 -1.37 -27.87 -4.83
N LEU A 160 -0.56 -28.14 -3.81
CA LEU A 160 -1.06 -28.11 -2.43
C LEU A 160 -1.08 -26.71 -1.88
N HIS A 161 -0.22 -25.86 -2.41
CA HIS A 161 -0.14 -24.52 -1.93
C HIS A 161 -1.27 -23.74 -2.55
N ILE A 162 -1.63 -24.10 -3.79
CA ILE A 162 -2.90 -23.65 -4.39
C ILE A 162 -4.08 -24.07 -3.54
N LYS A 163 -4.15 -25.32 -3.12
CA LYS A 163 -5.25 -25.81 -2.28
C LYS A 163 -5.51 -24.97 -1.01
N GLU A 164 -4.43 -24.48 -0.38
CA GLU A 164 -4.56 -23.73 0.88
C GLU A 164 -4.63 -22.21 0.62
N THR A 165 -4.64 -21.82 -0.65
CA THR A 165 -4.45 -20.42 -1.01
C THR A 165 -5.63 -19.87 -1.79
N VAL A 166 -6.23 -20.70 -2.65
CA VAL A 166 -7.22 -20.22 -3.62
C VAL A 166 -8.35 -19.36 -3.06
N LEU A 167 -9.04 -19.86 -2.04
CA LEU A 167 -10.30 -19.26 -1.58
C LEU A 167 -10.15 -17.86 -1.01
N SER A 168 -9.20 -17.67 -0.10
CA SER A 168 -8.96 -16.36 0.53
C SER A 168 -8.52 -15.29 -0.46
N ALA A 169 -7.89 -15.72 -1.55
CA ALA A 169 -7.55 -14.81 -2.64
C ALA A 169 -8.77 -14.61 -3.54
N LEU A 170 -9.17 -15.69 -4.20
CA LEU A 170 -10.28 -15.70 -5.14
C LEU A 170 -11.61 -15.51 -4.40
N SER A 171 -12.06 -14.26 -4.31
CA SER A 171 -13.33 -13.94 -3.67
C SER A 171 -14.50 -14.21 -4.64
N ARG A 172 -14.64 -15.48 -5.01
CA ARG A 172 -15.62 -15.99 -5.98
C ARG A 172 -15.59 -17.53 -5.91
N GLU A 173 -16.36 -18.20 -6.75
CA GLU A 173 -16.16 -19.65 -6.92
C GLU A 173 -15.15 -19.87 -8.06
N PRO A 174 -13.99 -20.52 -7.74
CA PRO A 174 -12.96 -20.83 -8.73
C PRO A 174 -13.47 -21.81 -9.78
N THR A 175 -12.84 -21.83 -10.95
CA THR A 175 -13.05 -22.91 -11.89
C THR A 175 -12.67 -24.22 -11.20
N VAL A 176 -13.31 -25.30 -11.62
CA VAL A 176 -13.10 -26.64 -11.07
C VAL A 176 -11.63 -27.03 -10.97
N ASP A 177 -10.86 -26.66 -11.99
CA ASP A 177 -9.47 -27.09 -12.07
C ASP A 177 -8.61 -26.60 -10.91
N ILE A 178 -8.85 -25.38 -10.44
CA ILE A 178 -8.08 -24.83 -9.31
C ILE A 178 -8.78 -24.86 -7.97
N SER A 179 -9.92 -25.55 -7.87
CA SER A 179 -10.63 -25.67 -6.61
C SER A 179 -9.90 -26.60 -5.63
N PRO A 180 -10.03 -26.34 -4.32
CA PRO A 180 -9.37 -27.18 -3.30
C PRO A 180 -9.34 -28.69 -3.57
N ASP A 181 -10.49 -29.31 -3.84
CA ASP A 181 -10.55 -30.79 -3.94
C ASP A 181 -9.78 -31.39 -5.12
N THR A 182 -9.95 -30.79 -6.31
CA THR A 182 -9.20 -31.21 -7.49
C THR A 182 -7.69 -31.06 -7.25
N VAL A 183 -7.32 -29.92 -6.70
CA VAL A 183 -5.95 -29.58 -6.58
C VAL A 183 -5.30 -30.41 -5.46
N GLY A 184 -6.13 -30.87 -4.51
CA GLY A 184 -5.69 -31.77 -3.45
C GLY A 184 -5.54 -33.18 -4.00
N THR A 185 -6.34 -33.51 -4.99
CA THR A 185 -6.15 -34.81 -5.63
C THR A 185 -4.95 -34.78 -6.55
N LEU A 186 -4.75 -33.70 -7.29
CA LEU A 186 -3.60 -33.64 -8.14
C LEU A 186 -2.30 -33.74 -7.34
N SER A 187 -2.24 -33.03 -6.23
CA SER A 187 -1.10 -33.07 -5.34
C SER A 187 -0.75 -34.47 -4.90
N LEU A 188 -1.77 -35.27 -4.60
CA LEU A 188 -1.56 -36.64 -4.13
C LEU A 188 -1.13 -37.59 -5.27
N ILE A 189 -1.61 -37.34 -6.48
CA ILE A 189 -1.17 -38.10 -7.62
C ILE A 189 0.34 -37.82 -7.88
N MET A 190 0.73 -36.56 -7.77
CA MET A 190 2.09 -36.16 -8.04
C MET A 190 3.00 -36.82 -6.96
N LEU A 191 2.56 -36.87 -5.71
CA LEU A 191 3.34 -37.46 -4.61
C LEU A 191 3.46 -38.98 -4.82
N ALA A 192 2.38 -39.61 -5.27
CA ALA A 192 2.39 -41.04 -5.52
C ALA A 192 3.41 -41.42 -6.59
N GLN A 193 3.50 -40.56 -7.60
CA GLN A 193 4.39 -40.75 -8.73
C GLN A 193 5.84 -40.49 -8.33
N ALA A 194 6.07 -39.60 -7.36
CA ALA A 194 7.40 -39.40 -6.81
C ALA A 194 7.82 -40.70 -6.11
N GLN A 195 6.90 -41.27 -5.34
CA GLN A 195 7.20 -42.51 -4.64
C GLN A 195 7.49 -43.53 -5.75
N GLU A 196 6.66 -43.64 -6.79
CA GLU A 196 6.95 -44.54 -7.84
C GLU A 196 8.43 -44.41 -8.29
N VAL A 197 8.87 -43.21 -8.65
CA VAL A 197 10.26 -42.99 -9.09
C VAL A 197 11.28 -43.55 -8.09
N PHE A 198 11.17 -43.17 -6.83
CA PHE A 198 11.99 -43.75 -5.78
C PHE A 198 11.92 -45.28 -5.70
N PHE A 199 10.78 -45.88 -6.05
CA PHE A 199 10.70 -47.35 -6.11
C PHE A 199 11.53 -47.90 -7.27
N LEU A 200 11.54 -47.16 -8.38
CA LEU A 200 12.31 -47.52 -9.55
C LEU A 200 13.85 -47.35 -9.28
N LYS A 201 14.24 -46.30 -8.58
CA LYS A 201 15.64 -46.04 -8.25
C LYS A 201 16.17 -47.17 -7.38
N ALA A 202 15.36 -47.59 -6.40
CA ALA A 202 15.78 -48.67 -5.51
C ALA A 202 15.90 -49.98 -6.26
N THR A 203 15.08 -50.16 -7.30
CA THR A 203 15.09 -51.38 -8.11
C THR A 203 16.36 -51.41 -8.98
N ARG A 204 16.60 -50.29 -9.66
CA ARG A 204 17.73 -50.14 -10.55
C ARG A 204 19.03 -50.33 -9.75
N ASP A 205 19.07 -49.79 -8.53
CA ASP A 205 20.25 -49.88 -7.65
C ASP A 205 20.38 -51.19 -6.90
N LYS A 206 19.51 -52.15 -7.19
CA LYS A 206 19.59 -53.51 -6.60
C LYS A 206 19.59 -53.55 -5.06
N MET A 207 18.81 -52.65 -4.46
CA MET A 207 18.56 -52.65 -3.02
C MET A 207 17.79 -53.87 -2.59
N LYS A 208 17.82 -54.14 -1.29
CA LYS A 208 17.18 -55.30 -0.68
C LYS A 208 15.68 -55.38 -0.98
N ASP A 209 15.19 -56.61 -1.08
CA ASP A 209 13.81 -56.84 -1.41
C ASP A 209 12.89 -56.29 -0.33
N ALA A 210 13.37 -56.26 0.90
CA ALA A 210 12.60 -55.74 2.03
C ALA A 210 12.36 -54.24 1.87
N ILE A 211 13.35 -53.53 1.34
CA ILE A 211 13.21 -52.09 1.11
C ILE A 211 12.26 -51.86 -0.07
N ILE A 212 12.42 -52.63 -1.13
CA ILE A 212 11.68 -52.41 -2.34
C ILE A 212 10.20 -52.67 -2.11
N ALA A 213 9.89 -53.71 -1.33
CA ALA A 213 8.52 -54.06 -0.99
C ALA A 213 7.85 -52.89 -0.29
N LYS A 214 8.57 -52.24 0.63
CA LYS A 214 8.00 -51.16 1.44
C LYS A 214 7.80 -49.85 0.67
N LEU A 215 8.72 -49.55 -0.25
CA LEU A 215 8.58 -48.37 -1.10
C LEU A 215 7.41 -48.54 -2.09
N ALA A 216 7.22 -49.77 -2.55
CA ALA A 216 6.18 -50.08 -3.50
C ALA A 216 4.84 -50.05 -2.75
N ASN A 217 4.79 -50.56 -1.53
CA ASN A 217 3.54 -50.57 -0.75
C ASN A 217 3.05 -49.17 -0.45
N GLN A 218 3.95 -48.32 0.02
CA GLN A 218 3.71 -46.89 0.17
C GLN A 218 3.20 -46.19 -1.12
N ALA A 219 3.70 -46.58 -2.29
CA ALA A 219 3.30 -45.96 -3.54
C ALA A 219 1.83 -46.33 -3.75
N ALA A 220 1.47 -47.57 -3.38
CA ALA A 220 0.13 -48.15 -3.49
C ALA A 220 -0.83 -47.46 -2.55
N ASP A 221 -0.34 -47.12 -1.36
CA ASP A 221 -1.08 -46.38 -0.36
C ASP A 221 -1.45 -45.05 -1.02
N TYR A 222 -0.45 -44.36 -1.61
CA TYR A 222 -0.72 -43.06 -2.18
C TYR A 222 -1.67 -43.13 -3.38
N PHE A 223 -1.46 -44.09 -4.26
CA PHE A 223 -2.26 -44.27 -5.44
C PHE A 223 -3.76 -44.66 -5.06
N GLY A 224 -3.95 -45.45 -4.00
CA GLY A 224 -5.25 -45.93 -3.55
C GLY A 224 -6.11 -44.79 -3.01
N ASP A 225 -5.51 -43.96 -2.18
CA ASP A 225 -6.12 -42.78 -1.63
C ASP A 225 -6.53 -41.78 -2.70
N ALA A 226 -5.73 -41.65 -3.76
CA ALA A 226 -6.03 -40.75 -4.88
C ALA A 226 -7.17 -41.34 -5.69
N PHE A 227 -7.13 -42.68 -5.86
CA PHE A 227 -8.15 -43.39 -6.56
C PHE A 227 -9.47 -43.15 -5.85
N LYS A 228 -9.45 -43.34 -4.53
CA LYS A 228 -10.64 -43.20 -3.70
C LYS A 228 -11.23 -41.79 -3.81
N GLN A 229 -10.38 -40.77 -3.73
CA GLN A 229 -10.83 -39.40 -3.90
C GLN A 229 -11.57 -39.16 -5.23
N CYS A 230 -11.16 -39.87 -6.28
CA CYS A 230 -11.80 -39.77 -7.57
C CYS A 230 -13.13 -40.53 -7.74
N GLN A 231 -13.43 -41.45 -6.83
CA GLN A 231 -14.54 -42.36 -7.08
C GLN A 231 -15.92 -41.70 -7.00
N TYR A 232 -16.07 -40.72 -6.12
CA TYR A 232 -17.34 -40.00 -6.10
C TYR A 232 -17.20 -38.51 -6.45
N LYS A 233 -16.39 -38.23 -7.47
CA LYS A 233 -16.27 -36.91 -8.08
C LYS A 233 -15.48 -37.02 -9.37
N ASP A 234 -16.10 -36.67 -10.49
CA ASP A 234 -15.40 -36.72 -11.78
C ASP A 234 -14.94 -35.35 -12.27
N THR A 235 -13.78 -34.94 -11.79
CA THR A 235 -13.28 -33.62 -12.16
C THR A 235 -11.97 -33.61 -12.96
N LEU A 236 -11.36 -34.78 -13.12
CA LEU A 236 -10.09 -34.90 -13.87
C LEU A 236 -10.32 -35.50 -15.27
N PRO A 237 -9.37 -35.33 -16.20
CA PRO A 237 -9.64 -35.92 -17.53
C PRO A 237 -10.01 -37.39 -17.43
N LYS A 238 -10.54 -37.98 -18.51
CA LYS A 238 -11.06 -39.35 -18.46
C LYS A 238 -10.00 -40.46 -18.19
N GLU A 239 -8.77 -40.25 -18.63
CA GLU A 239 -7.69 -41.23 -18.44
C GLU A 239 -7.17 -41.31 -17.00
N VAL A 240 -7.25 -40.21 -16.26
CA VAL A 240 -6.70 -40.26 -14.92
C VAL A 240 -7.28 -41.45 -14.19
N PHE A 241 -8.59 -41.62 -14.26
CA PHE A 241 -9.27 -42.55 -13.39
C PHE A 241 -8.78 -44.01 -13.52
N PRO A 242 -8.86 -44.61 -14.72
CA PRO A 242 -8.30 -45.97 -14.84
C PRO A 242 -6.75 -46.08 -14.65
N VAL A 243 -5.99 -45.06 -15.00
CA VAL A 243 -4.54 -45.14 -14.74
C VAL A 243 -4.28 -45.25 -13.22
N LEU A 244 -4.99 -44.46 -12.42
CA LEU A 244 -4.81 -44.53 -10.98
C LEU A 244 -5.07 -45.95 -10.53
N ALA A 245 -6.14 -46.56 -11.04
CA ALA A 245 -6.54 -47.89 -10.57
C ALA A 245 -5.51 -48.96 -10.95
N ALA A 246 -5.09 -48.96 -12.20
CA ALA A 246 -4.01 -49.83 -12.66
C ALA A 246 -2.72 -49.63 -11.84
N LYS A 247 -2.33 -48.37 -11.59
CA LYS A 247 -1.06 -48.10 -10.94
C LYS A 247 -1.14 -48.53 -9.48
N HIS A 248 -2.33 -48.40 -8.91
CA HIS A 248 -2.61 -48.91 -7.57
C HIS A 248 -2.39 -50.41 -7.51
N CYS A 249 -2.90 -51.15 -8.48
CA CYS A 249 -2.75 -52.60 -8.52
C CYS A 249 -1.35 -53.05 -8.81
N ILE A 250 -0.69 -52.37 -9.76
CA ILE A 250 0.66 -52.70 -10.12
C ILE A 250 1.61 -52.51 -8.93
N MET A 251 1.30 -51.55 -8.07
CA MET A 251 2.20 -51.23 -7.00
C MET A 251 1.93 -52.20 -5.87
N GLN A 252 0.70 -52.68 -5.79
CA GLN A 252 0.48 -53.78 -4.86
C GLN A 252 1.20 -55.06 -5.30
N ALA A 253 1.03 -55.44 -6.58
CA ALA A 253 1.64 -56.63 -7.12
C ALA A 253 3.17 -56.54 -6.88
N ASN A 254 3.79 -55.41 -7.23
CA ASN A 254 5.19 -55.19 -6.85
C ASN A 254 5.49 -55.36 -5.39
N ALA A 255 4.67 -54.80 -4.52
CA ALA A 255 4.92 -55.00 -3.11
C ALA A 255 4.97 -56.48 -2.82
N GLU A 256 4.00 -57.22 -3.36
CA GLU A 256 3.84 -58.65 -3.03
C GLU A 256 4.96 -59.50 -3.63
N TYR A 257 5.43 -59.13 -4.80
CA TYR A 257 6.41 -59.94 -5.43
C TYR A 257 7.72 -59.85 -4.59
N HIS A 258 8.10 -58.65 -4.17
CA HIS A 258 9.29 -58.47 -3.35
C HIS A 258 9.18 -59.06 -1.97
N GLN A 259 7.99 -59.01 -1.39
CA GLN A 259 7.82 -59.57 -0.07
C GLN A 259 7.92 -61.08 -0.23
N SER A 260 7.54 -61.59 -1.41
CA SER A 260 7.59 -63.03 -1.64
C SER A 260 9.03 -63.52 -1.65
N ILE A 261 9.92 -62.75 -2.28
CA ILE A 261 11.36 -63.05 -2.31
C ILE A 261 11.91 -63.01 -0.87
N LEU A 262 11.21 -62.33 0.02
CA LEU A 262 11.65 -62.29 1.39
C LEU A 262 11.18 -63.57 2.10
N ALA A 263 9.97 -64.01 1.82
CA ALA A 263 9.43 -65.20 2.48
C ALA A 263 10.24 -66.47 2.15
N LYS A 264 10.54 -66.65 0.86
CA LYS A 264 11.46 -67.66 0.34
C LYS A 264 12.76 -67.66 1.15
N GLN A 265 13.40 -66.50 1.23
CA GLN A 265 14.67 -66.36 1.90
C GLN A 265 14.60 -66.83 3.34
N GLN A 266 13.41 -66.67 3.95
CA GLN A 266 13.19 -67.07 5.33
C GLN A 266 12.56 -68.46 5.42
N TYR A 267 12.49 -69.13 4.28
CA TYR A 267 11.89 -70.47 4.19
C TYR A 267 10.39 -70.50 4.53
N TYR A 268 9.72 -69.37 4.36
CA TYR A 268 8.27 -69.36 4.50
C TYR A 268 7.69 -69.65 3.11
N PHE A 269 7.62 -70.93 2.76
CA PHE A 269 7.31 -71.37 1.39
C PHE A 269 5.86 -71.22 0.95
N GLY A 270 4.92 -71.57 1.82
CA GLY A 270 3.51 -71.41 1.52
C GLY A 270 3.20 -69.93 1.39
N GLU A 271 3.95 -69.11 2.15
CA GLU A 271 3.80 -67.67 2.09
C GLU A 271 4.31 -67.11 0.76
N GLU A 272 5.37 -67.69 0.22
CA GLU A 272 5.90 -67.24 -1.05
C GLU A 272 4.80 -67.41 -2.06
N ILE A 273 4.17 -68.59 -2.01
CA ILE A 273 3.17 -68.96 -2.98
C ILE A 273 1.90 -68.10 -2.90
N ALA A 274 1.46 -67.76 -1.68
CA ALA A 274 0.22 -67.00 -1.52
C ALA A 274 0.42 -65.54 -1.93
N ARG A 275 1.64 -65.05 -1.76
CA ARG A 275 1.91 -63.70 -2.16
C ARG A 275 2.14 -63.61 -3.67
N LEU A 276 2.78 -64.63 -4.26
CA LEU A 276 2.93 -64.69 -5.70
C LEU A 276 1.55 -64.82 -6.37
N GLN A 277 0.63 -65.57 -5.74
CA GLN A 277 -0.69 -65.80 -6.29
C GLN A 277 -1.48 -64.50 -6.35
N HIS A 278 -1.44 -63.75 -5.25
CA HIS A 278 -2.03 -62.44 -5.21
C HIS A 278 -1.42 -61.51 -6.29
N ALA A 279 -0.10 -61.32 -6.33
CA ALA A 279 0.53 -60.59 -7.44
C ALA A 279 -0.03 -60.95 -8.82
N ALA A 280 -0.16 -62.25 -9.08
CA ALA A 280 -0.65 -62.78 -10.37
C ALA A 280 -2.09 -62.36 -10.67
N GLU A 281 -2.95 -62.45 -9.66
CA GLU A 281 -4.36 -62.07 -9.75
C GLU A 281 -4.48 -60.59 -10.08
N LEU A 282 -3.76 -59.75 -9.33
CA LEU A 282 -3.77 -58.31 -9.57
C LEU A 282 -3.33 -57.96 -10.97
N ILE A 283 -2.39 -58.72 -11.52
CA ILE A 283 -1.76 -58.33 -12.78
C ILE A 283 -2.51 -58.91 -13.92
N LYS A 284 -2.97 -60.14 -13.75
CA LYS A 284 -3.98 -60.70 -14.66
C LYS A 284 -5.10 -59.66 -14.81
N THR A 285 -5.61 -59.15 -13.68
CA THR A 285 -6.73 -58.21 -13.75
C THR A 285 -6.32 -56.90 -14.42
N VAL A 286 -5.17 -56.34 -14.06
CA VAL A 286 -4.69 -55.13 -14.72
C VAL A 286 -4.52 -55.31 -16.24
N ALA A 287 -3.93 -56.41 -16.68
CA ALA A 287 -3.79 -56.67 -18.13
C ALA A 287 -5.14 -56.77 -18.92
N SER A 288 -6.14 -57.48 -18.42
CA SER A 288 -7.40 -57.53 -19.19
C SER A 288 -8.16 -56.20 -19.25
N ARG A 289 -8.36 -55.56 -18.10
CA ARG A 289 -9.19 -54.38 -17.94
C ARG A 289 -8.49 -53.06 -18.29
N TYR A 290 -7.18 -52.94 -18.04
CA TYR A 290 -6.51 -51.65 -18.30
C TYR A 290 -5.44 -51.71 -19.40
N ASP A 291 -5.56 -52.70 -20.28
CA ASP A 291 -4.67 -52.90 -21.45
C ASP A 291 -4.39 -51.66 -22.28
N GLU A 292 -5.35 -50.75 -22.35
CA GLU A 292 -5.17 -49.51 -23.09
C GLU A 292 -4.15 -48.57 -22.46
N TYR A 293 -3.93 -48.68 -21.15
CA TYR A 293 -3.21 -47.64 -20.46
C TYR A 293 -1.87 -48.11 -19.90
N VAL A 294 -1.65 -49.42 -19.85
CA VAL A 294 -0.41 -49.96 -19.29
C VAL A 294 0.05 -51.20 -20.04
N ASN A 295 1.35 -51.46 -19.99
CA ASN A 295 1.93 -52.73 -20.44
C ASN A 295 2.59 -53.43 -19.24
N VAL A 296 2.29 -54.71 -19.07
CA VAL A 296 2.51 -55.33 -17.78
C VAL A 296 3.03 -56.74 -18.00
N LYS A 297 3.16 -57.14 -19.26
CA LYS A 297 3.70 -58.45 -19.68
C LYS A 297 5.03 -58.90 -19.01
N ASP A 298 6.11 -58.13 -19.13
CA ASP A 298 7.38 -58.55 -18.50
C ASP A 298 7.20 -58.90 -17.02
N PHE A 299 6.63 -57.98 -16.25
CA PHE A 299 6.29 -58.25 -14.85
C PHE A 299 5.46 -59.54 -14.68
N SER A 300 4.50 -59.75 -15.57
CA SER A 300 3.61 -60.92 -15.49
C SER A 300 4.39 -62.20 -15.76
N ASP A 301 5.26 -62.17 -16.76
CA ASP A 301 6.15 -63.30 -17.06
C ASP A 301 7.06 -63.59 -15.86
N LYS A 302 7.59 -62.54 -15.25
CA LYS A 302 8.42 -62.69 -14.06
C LYS A 302 7.65 -63.31 -12.89
N ILE A 303 6.45 -62.82 -12.60
CA ILE A 303 5.61 -63.43 -11.56
C ILE A 303 5.35 -64.91 -11.86
N ASN A 304 4.87 -65.22 -13.07
CA ASN A 304 4.60 -66.64 -13.41
C ASN A 304 5.80 -67.59 -13.25
N ARG A 305 6.99 -67.17 -13.72
CA ARG A 305 8.23 -67.93 -13.55
C ARG A 305 8.52 -68.22 -12.08
N ALA A 306 8.37 -67.20 -11.22
CA ALA A 306 8.53 -67.36 -9.77
C ALA A 306 7.48 -68.25 -9.19
N LEU A 307 6.25 -68.15 -9.68
CA LEU A 307 5.18 -68.91 -9.08
C LEU A 307 5.32 -70.39 -9.43
N ALA A 308 5.61 -70.67 -10.71
CA ALA A 308 5.74 -72.06 -11.12
C ALA A 308 6.92 -72.69 -10.37
N ALA A 309 8.09 -72.05 -10.43
CA ALA A 309 9.29 -72.53 -9.70
C ALA A 309 9.01 -72.76 -8.23
N ALA A 310 8.26 -71.87 -7.57
CA ALA A 310 7.98 -72.08 -6.16
C ALA A 310 7.01 -73.23 -5.88
N LYS A 311 6.07 -73.46 -6.80
CA LYS A 311 5.08 -74.57 -6.69
C LYS A 311 5.68 -75.96 -6.99
N LYS A 312 6.66 -75.99 -7.90
CA LYS A 312 7.43 -77.21 -8.15
C LYS A 312 8.17 -77.61 -6.85
N ASP A 313 8.98 -76.69 -6.33
CA ASP A 313 9.69 -76.90 -5.07
C ASP A 313 8.78 -77.25 -3.89
N ASN A 314 7.56 -76.76 -3.89
CA ASN A 314 6.72 -76.98 -2.72
C ASN A 314 6.02 -78.32 -2.81
N ASP A 315 5.49 -78.60 -3.99
CA ASP A 315 4.71 -79.81 -4.27
C ASP A 315 5.56 -81.06 -4.10
N PHE A 316 6.81 -81.00 -4.55
CA PHE A 316 7.72 -82.13 -4.45
C PHE A 316 8.52 -82.12 -3.14
N ILE A 317 9.18 -81.03 -2.82
CA ILE A 317 10.08 -81.05 -1.68
C ILE A 317 9.42 -80.60 -0.36
N TYR A 318 9.22 -79.30 -0.21
CA TYR A 318 8.87 -78.68 1.07
C TYR A 318 7.54 -79.04 1.71
N HIS A 319 6.54 -79.28 0.86
CA HIS A 319 5.19 -79.58 1.32
C HIS A 319 4.63 -78.57 2.30
N ASP A 320 4.96 -77.30 2.09
CA ASP A 320 4.44 -76.20 2.92
C ASP A 320 2.99 -75.86 2.54
N ARG A 321 2.19 -75.60 3.57
CA ARG A 321 0.80 -75.19 3.43
C ARG A 321 0.78 -73.73 3.01
N VAL A 322 -0.05 -73.44 2.00
CA VAL A 322 -0.28 -72.09 1.53
C VAL A 322 -1.42 -71.45 2.31
N PRO A 323 -1.11 -70.36 3.05
CA PRO A 323 -2.11 -69.70 3.89
C PRO A 323 -3.09 -68.86 3.08
N ASP A 324 -4.14 -68.38 3.72
CA ASP A 324 -5.04 -67.43 3.08
C ASP A 324 -4.51 -66.01 3.33
N LEU A 325 -4.81 -65.11 2.40
CA LEU A 325 -4.28 -63.73 2.43
C LEU A 325 -4.57 -63.03 3.76
N LYS A 326 -5.81 -63.23 4.25
CA LYS A 326 -6.28 -62.59 5.49
C LYS A 326 -5.38 -62.87 6.69
N ASP A 327 -4.70 -64.02 6.68
CA ASP A 327 -3.83 -64.42 7.80
C ASP A 327 -2.38 -63.94 7.66
N LEU A 328 -2.09 -63.16 6.60
CA LEU A 328 -0.76 -62.62 6.39
C LEU A 328 -0.57 -61.24 7.03
N ASP A 329 0.58 -61.08 7.68
CA ASP A 329 0.98 -59.79 8.19
C ASP A 329 1.04 -58.68 7.09
N PRO A 330 0.65 -57.46 7.47
CA PRO A 330 0.73 -56.34 6.53
C PRO A 330 2.18 -56.13 6.13
N ILE A 331 2.42 -55.75 4.88
CA ILE A 331 3.72 -55.31 4.45
C ILE A 331 3.84 -53.90 5.03
N GLY A 332 5.01 -53.53 5.53
CA GLY A 332 5.16 -52.13 5.99
C GLY A 332 5.18 -51.08 4.88
N LYS A 333 5.48 -49.84 5.25
CA LYS A 333 5.45 -48.71 4.34
C LYS A 333 6.65 -47.79 4.62
N ALA A 334 7.20 -47.18 3.59
CA ALA A 334 8.29 -46.29 3.76
C ALA A 334 8.16 -45.22 2.71
N THR A 335 7.89 -43.99 3.16
CA THR A 335 7.94 -42.87 2.29
C THR A 335 9.33 -42.17 2.26
N LEU A 336 9.74 -41.76 1.06
CA LEU A 336 11.01 -41.16 0.77
C LEU A 336 10.77 -39.77 0.18
N VAL A 337 9.52 -39.30 0.30
CA VAL A 337 9.01 -38.25 -0.55
C VAL A 337 8.17 -37.18 0.21
N LYS A 338 8.09 -35.98 -0.32
CA LYS A 338 7.40 -34.90 0.39
C LYS A 338 6.92 -33.89 -0.60
N SER A 339 5.82 -33.24 -0.30
CA SER A 339 5.35 -32.08 -1.05
C SER A 339 6.27 -30.91 -0.81
N THR A 340 6.91 -30.41 -1.88
CA THR A 340 7.82 -29.28 -1.79
C THR A 340 7.10 -27.98 -1.43
N PRO A 341 7.44 -27.39 -0.27
CA PRO A 341 6.85 -26.09 0.12
C PRO A 341 7.12 -25.04 -0.93
N VAL A 342 6.15 -24.16 -1.14
CA VAL A 342 6.30 -23.04 -2.03
C VAL A 342 6.76 -21.80 -1.25
N ASN A 343 7.96 -21.31 -1.58
CA ASN A 343 8.55 -20.14 -0.93
C ASN A 343 9.26 -19.28 -1.96
N VAL A 344 8.67 -18.15 -2.31
CA VAL A 344 9.28 -17.21 -3.26
C VAL A 344 10.65 -16.79 -2.68
N PRO A 345 11.71 -16.83 -3.51
CA PRO A 345 11.68 -17.11 -4.94
C PRO A 345 11.74 -18.61 -5.26
N ILE A 346 10.92 -19.06 -6.20
CA ILE A 346 11.02 -20.44 -6.70
C ILE A 346 11.88 -20.57 -7.97
N SER A 347 12.31 -19.44 -8.51
CA SER A 347 13.17 -19.46 -9.69
C SER A 347 14.62 -19.31 -9.29
N GLN A 348 15.51 -19.84 -10.12
CA GLN A 348 16.93 -19.60 -10.02
C GLN A 348 17.21 -18.15 -10.39
N LYS A 349 18.15 -17.52 -9.68
CA LYS A 349 18.70 -16.21 -10.05
C LYS A 349 17.67 -15.09 -10.03
N PHE A 350 16.72 -15.15 -9.10
CA PHE A 350 15.64 -14.17 -9.10
C PHE A 350 16.05 -12.78 -8.62
N THR A 351 15.58 -11.76 -9.32
CA THR A 351 15.73 -10.36 -8.91
C THR A 351 14.42 -9.57 -9.08
N ASP A 352 13.94 -8.97 -7.99
CA ASP A 352 12.72 -8.18 -8.02
C ASP A 352 12.97 -6.82 -8.66
N LEU A 353 12.47 -6.68 -9.89
CA LEU A 353 12.60 -5.45 -10.67
C LEU A 353 12.06 -4.23 -9.90
N PHE A 354 11.08 -4.48 -9.03
CA PHE A 354 10.45 -3.42 -8.25
C PHE A 354 10.87 -3.41 -6.77
N GLU A 355 11.96 -4.10 -6.43
CA GLU A 355 12.46 -4.13 -5.04
C GLU A 355 12.56 -2.74 -4.42
N LYS A 356 13.12 -1.79 -5.18
CA LYS A 356 13.34 -0.42 -4.72
C LYS A 356 12.04 0.32 -4.36
N MET A 357 10.94 -0.04 -5.02
CA MET A 357 9.63 0.56 -4.76
C MET A 357 9.16 0.34 -3.32
N VAL A 358 8.64 1.40 -2.71
CA VAL A 358 8.15 1.39 -1.34
C VAL A 358 6.75 0.73 -1.29
N PRO A 359 6.53 -0.18 -0.33
CA PRO A 359 5.21 -0.81 -0.14
C PRO A 359 4.10 0.19 0.17
N VAL A 360 2.98 0.06 -0.54
CA VAL A 360 1.76 0.84 -0.33
C VAL A 360 1.37 1.00 1.15
N SER A 361 1.57 -0.07 1.92
CA SER A 361 1.29 -0.11 3.34
C SER A 361 1.99 1.02 4.10
N VAL A 362 3.13 1.45 3.57
CA VAL A 362 3.98 2.46 4.20
C VAL A 362 3.50 3.87 3.84
N GLN A 363 3.12 4.09 2.59
CA GLN A 363 2.51 5.33 2.15
C GLN A 363 1.28 5.68 2.99
N GLN A 364 0.31 4.77 3.01
CA GLN A 364 -0.88 4.90 3.86
C GLN A 364 -0.49 4.72 5.34
N SER A 365 0.63 5.34 5.72
CA SER A 365 1.12 5.40 7.08
C SER A 365 2.08 6.59 7.18
N LEU A 366 2.67 6.93 6.04
CA LEU A 366 3.62 8.02 5.93
C LEU A 366 2.85 9.30 5.63
N ALA A 367 1.81 9.18 4.81
CA ALA A 367 0.92 10.28 4.50
C ALA A 367 -0.05 10.50 5.66
N ALA A 368 -0.38 9.42 6.37
CA ALA A 368 -1.25 9.49 7.53
C ALA A 368 -0.52 10.05 8.76
N TYR A 369 0.78 9.80 8.86
CA TYR A 369 1.64 10.43 9.86
C TYR A 369 1.64 11.95 9.70
N ASN A 370 1.74 12.39 8.45
CA ASN A 370 1.68 13.81 8.11
C ASN A 370 0.44 14.54 8.60
N GLN A 371 -0.72 13.95 8.38
CA GLN A 371 -2.00 14.56 8.79
C GLN A 371 -2.19 14.56 10.31
N ARG A 372 -1.45 13.71 11.02
CA ARG A 372 -1.48 13.73 12.49
C ARG A 372 -0.47 14.72 13.05
N LYS A 373 0.67 14.82 12.41
CA LYS A 373 1.73 15.75 12.79
C LYS A 373 1.26 17.18 12.55
N ALA A 374 0.71 17.40 11.35
CA ALA A 374 0.16 18.69 10.96
C ALA A 374 -0.95 19.14 11.91
N ASP A 375 -1.88 18.24 12.23
CA ASP A 375 -2.93 18.51 13.23
C ASP A 375 -2.34 19.02 14.55
N LEU A 376 -1.33 18.31 15.04
CA LEU A 376 -0.67 18.65 16.29
C LEU A 376 0.04 20.02 16.25
N VAL A 377 0.81 20.27 15.20
CA VAL A 377 1.59 21.51 15.10
C VAL A 377 0.74 22.77 14.88
N ASN A 378 -0.09 22.79 13.84
CA ASN A 378 -1.01 23.89 13.58
C ASN A 378 -1.86 24.21 14.81
N ARG A 379 -2.56 23.20 15.33
CA ARG A 379 -3.28 23.24 16.61
C ARG A 379 -2.51 24.07 17.63
N SER A 380 -1.26 23.69 17.87
CA SER A 380 -0.40 24.33 18.86
C SER A 380 -0.07 25.79 18.54
N ILE A 381 0.28 26.05 17.28
CA ILE A 381 0.53 27.41 16.80
C ILE A 381 -0.73 28.24 17.03
N ALA A 382 -1.85 27.75 16.52
CA ALA A 382 -3.12 28.48 16.57
C ALA A 382 -3.51 28.85 17.98
N GLN A 383 -3.41 27.91 18.92
CA GLN A 383 -3.69 28.17 20.32
C GLN A 383 -2.86 29.34 20.85
N MET A 384 -1.56 29.33 20.53
CA MET A 384 -0.62 30.35 20.99
C MET A 384 -0.88 31.75 20.42
N ARG A 385 -1.11 31.81 19.11
CA ARG A 385 -1.46 33.06 18.47
C ARG A 385 -2.74 33.61 19.08
N GLU A 386 -3.81 32.81 18.99
CA GLU A 386 -5.09 33.19 19.61
C GLU A 386 -4.94 33.65 21.06
N ALA A 387 -4.03 33.04 21.81
CA ALA A 387 -3.72 33.50 23.16
C ALA A 387 -3.03 34.88 23.18
N THR A 388 -2.00 35.07 22.36
CA THR A 388 -1.28 36.35 22.31
C THR A 388 -2.20 37.49 21.86
N THR A 389 -2.99 37.24 20.83
CA THR A 389 -4.03 38.18 20.42
C THR A 389 -4.90 38.58 21.61
N LEU A 390 -5.37 37.62 22.39
CA LEU A 390 -6.26 37.92 23.50
C LEU A 390 -5.55 38.68 24.64
N ALA A 391 -4.29 38.39 24.89
CA ALA A 391 -3.53 39.10 25.92
C ALA A 391 -3.29 40.56 25.54
N ASN A 392 -2.82 40.81 24.32
CA ASN A 392 -2.60 42.16 23.81
C ASN A 392 -3.87 43.04 23.84
N GLY A 393 -5.01 42.44 23.48
CA GLY A 393 -6.29 43.13 23.56
C GLY A 393 -6.64 43.53 24.98
N VAL A 394 -6.51 42.60 25.92
CA VAL A 394 -6.77 42.91 27.33
C VAL A 394 -5.83 44.02 27.79
N LEU A 395 -4.53 43.89 27.51
CA LEU A 395 -3.55 44.90 27.90
C LEU A 395 -3.85 46.30 27.37
N ALA A 396 -4.31 46.37 26.14
CA ALA A 396 -4.60 47.64 25.48
C ALA A 396 -5.81 48.30 26.13
N SER A 397 -6.84 47.50 26.44
CA SER A 397 -8.05 48.04 27.04
C SER A 397 -7.84 48.48 28.51
N LEU A 398 -6.61 48.37 29.00
CA LEU A 398 -6.28 48.79 30.35
C LEU A 398 -5.13 49.79 30.33
N ASN A 399 -4.74 50.24 29.15
CA ASN A 399 -3.63 51.20 28.99
C ASN A 399 -2.30 50.71 29.58
N LEU A 400 -2.12 49.39 29.60
CA LEU A 400 -0.89 48.78 30.08
C LEU A 400 -0.11 48.27 28.90
N PRO A 401 1.23 48.40 28.94
CA PRO A 401 2.05 48.98 30.02
C PRO A 401 2.21 50.50 29.97
N ALA A 402 1.46 51.20 29.12
CA ALA A 402 1.66 52.65 28.99
C ALA A 402 1.45 53.42 30.29
N ALA A 403 0.33 53.12 30.97
CA ALA A 403 -0.07 53.84 32.18
C ALA A 403 1.05 53.94 33.21
N ILE A 404 1.78 52.83 33.43
CA ILE A 404 2.81 52.79 34.47
C ILE A 404 4.16 53.37 34.07
N GLU A 405 4.33 53.69 32.78
CA GLU A 405 5.57 54.32 32.32
C GLU A 405 5.37 55.79 32.02
N ASP A 406 4.20 56.31 32.40
CA ASP A 406 3.71 57.64 32.03
C ASP A 406 4.02 58.62 33.16
N VAL A 407 5.30 58.95 33.29
CA VAL A 407 5.84 59.80 34.36
C VAL A 407 5.02 61.06 34.61
N SER A 408 5.03 61.98 33.64
CA SER A 408 4.03 63.06 33.62
C SER A 408 2.92 62.63 32.66
N GLY A 409 2.36 63.59 31.96
CA GLY A 409 1.53 63.33 30.81
C GLY A 409 2.09 64.23 29.74
N ASP A 410 3.40 64.20 29.55
CA ASP A 410 4.09 65.27 28.85
C ASP A 410 4.96 64.73 27.71
N THR A 411 5.30 63.44 27.80
CA THR A 411 6.24 62.78 26.88
C THR A 411 5.59 61.53 26.31
N VAL A 412 6.27 60.89 25.36
CA VAL A 412 5.82 59.61 24.83
C VAL A 412 6.29 58.48 25.76
N PRO A 413 5.34 57.79 26.41
CA PRO A 413 5.71 56.60 27.18
C PRO A 413 6.68 55.73 26.40
N GLN A 414 7.66 55.14 27.09
CA GLN A 414 8.73 54.37 26.45
C GLN A 414 8.21 53.25 25.54
N SER A 415 7.19 52.53 26.01
CA SER A 415 6.61 51.42 25.28
C SER A 415 5.98 51.87 23.96
N ILE A 416 5.24 52.98 23.97
CA ILE A 416 4.67 53.49 22.73
C ILE A 416 5.78 53.95 21.78
N LEU A 417 6.79 54.59 22.34
CA LEU A 417 7.97 54.97 21.60
C LEU A 417 8.68 53.75 20.99
N THR A 418 8.72 52.63 21.73
CA THR A 418 9.34 51.41 21.22
C THR A 418 8.52 50.84 20.04
N LYS A 419 7.21 50.74 20.22
CA LYS A 419 6.33 50.26 19.17
C LYS A 419 6.38 51.13 17.92
N SER A 420 6.42 52.46 18.11
CA SER A 420 6.49 53.38 16.98
C SER A 420 7.71 53.13 16.11
N ARG A 421 8.87 53.11 16.76
CA ARG A 421 10.15 52.93 16.08
C ARG A 421 10.21 51.56 15.40
N SER A 422 9.61 50.58 16.07
CA SER A 422 9.41 49.26 15.50
C SER A 422 8.51 49.27 14.24
N VAL A 423 7.51 50.15 14.20
CA VAL A 423 6.68 50.29 12.99
C VAL A 423 7.43 51.01 11.88
N ILE A 424 8.10 52.10 12.23
CA ILE A 424 8.93 52.86 11.29
C ILE A 424 10.05 52.01 10.65
N GLU A 425 10.65 51.12 11.45
CA GLU A 425 11.74 50.25 10.99
C GLU A 425 11.25 49.31 9.91
N GLN A 426 10.05 48.76 10.12
CA GLN A 426 9.40 47.82 9.21
C GLN A 426 8.85 48.50 7.95
N GLY A 427 9.13 49.80 7.82
CA GLY A 427 8.79 50.56 6.62
C GLY A 427 7.63 51.53 6.81
N GLY A 428 7.08 51.59 8.02
CA GLY A 428 5.87 52.37 8.30
C GLY A 428 4.66 51.94 7.48
N ILE A 429 3.75 52.89 7.25
CA ILE A 429 2.49 52.70 6.51
C ILE A 429 2.70 52.42 5.02
N GLN A 430 3.84 52.83 4.48
CA GLN A 430 4.16 52.55 3.08
C GLN A 430 4.08 51.05 2.79
N THR A 431 4.64 50.24 3.68
CA THR A 431 4.63 48.79 3.47
C THR A 431 3.23 48.20 3.44
N VAL A 432 2.36 48.61 4.38
CA VAL A 432 0.94 48.19 4.36
C VAL A 432 0.19 48.73 3.12
N ASP A 433 0.40 50.01 2.81
CA ASP A 433 -0.22 50.63 1.64
C ASP A 433 0.17 49.96 0.34
N GLN A 434 1.44 49.56 0.21
CA GLN A 434 1.89 48.89 -1.00
C GLN A 434 1.31 47.49 -1.13
N LEU A 435 1.23 46.77 -0.01
CA LEU A 435 0.62 45.43 0.00
C LEU A 435 -0.90 45.46 -0.23
N ILE A 436 -1.57 46.50 0.22
CA ILE A 436 -3.00 46.68 -0.05
C ILE A 436 -3.24 46.91 -1.55
N LYS A 437 -2.38 47.70 -2.17
CA LYS A 437 -2.50 48.12 -3.55
C LYS A 437 -2.33 46.97 -4.55
N GLU A 438 -1.46 46.00 -4.22
CA GLU A 438 -1.08 44.92 -5.14
C GLU A 438 -1.91 43.65 -4.96
N LEU A 439 -2.71 43.62 -3.90
CA LEU A 439 -3.60 42.50 -3.64
C LEU A 439 -4.66 42.35 -4.73
N PRO A 440 -5.26 43.48 -5.19
CA PRO A 440 -6.17 43.38 -6.33
C PRO A 440 -5.49 42.92 -7.63
N GLU A 441 -4.17 43.07 -7.69
CA GLU A 441 -3.40 42.75 -8.90
C GLU A 441 -3.02 41.28 -8.97
N LEU A 442 -2.62 40.71 -7.84
CA LEU A 442 -2.39 39.26 -7.73
C LEU A 442 -3.71 38.48 -7.85
N LEU A 443 -4.83 39.07 -7.45
CA LEU A 443 -6.13 38.46 -7.70
C LEU A 443 -6.41 38.39 -9.19
N GLN A 444 -6.30 39.55 -9.85
CA GLN A 444 -6.65 39.70 -11.25
C GLN A 444 -5.80 38.79 -12.13
N ARG A 445 -4.55 38.63 -11.76
CA ARG A 445 -3.63 37.76 -12.47
C ARG A 445 -4.20 36.36 -12.52
N ASN A 446 -4.51 35.81 -11.34
CA ASN A 446 -5.09 34.47 -11.18
C ASN A 446 -6.43 34.26 -11.87
N ARG A 447 -7.25 35.30 -11.93
CA ARG A 447 -8.48 35.23 -12.68
C ARG A 447 -8.18 35.11 -14.17
N GLU A 448 -7.24 35.92 -14.63
CA GLU A 448 -6.80 35.87 -16.01
C GLU A 448 -6.33 34.46 -16.37
N ILE A 449 -5.59 33.82 -15.47
CA ILE A 449 -5.06 32.49 -15.81
C ILE A 449 -6.18 31.45 -15.87
N LEU A 450 -7.01 31.39 -14.84
CA LEU A 450 -8.17 30.51 -14.82
C LEU A 450 -9.02 30.74 -16.08
N ASP A 451 -9.34 32.01 -16.36
CA ASP A 451 -10.19 32.34 -17.52
C ASP A 451 -9.54 32.00 -18.87
N GLU A 452 -8.27 32.34 -19.08
CA GLU A 452 -7.59 32.00 -20.34
C GLU A 452 -7.67 30.48 -20.58
N SER A 453 -7.48 29.70 -19.53
CA SER A 453 -7.49 28.23 -19.56
C SER A 453 -8.82 27.63 -19.98
N LEU A 454 -9.90 28.13 -19.40
CA LEU A 454 -11.22 27.62 -19.71
C LEU A 454 -11.66 28.06 -21.11
N ARG A 455 -11.25 29.25 -21.52
CA ARG A 455 -11.48 29.76 -22.88
C ARG A 455 -10.94 28.77 -23.93
N LEU A 456 -9.72 28.25 -23.69
CA LEU A 456 -9.10 27.20 -24.47
C LEU A 456 -9.97 25.98 -24.69
N LEU A 457 -10.50 25.44 -23.59
CA LEU A 457 -11.36 24.27 -23.66
C LEU A 457 -12.60 24.61 -24.47
N ASP A 458 -13.18 25.79 -24.19
CA ASP A 458 -14.31 26.28 -24.95
C ASP A 458 -14.07 26.41 -26.44
N GLU A 459 -12.96 27.03 -26.82
CA GLU A 459 -12.61 27.16 -28.24
C GLU A 459 -12.53 25.78 -28.91
N GLU A 460 -11.77 24.87 -28.31
CA GLU A 460 -11.60 23.58 -28.94
C GLU A 460 -12.95 22.83 -29.04
N GLU A 461 -13.74 22.91 -27.99
CA GLU A 461 -15.05 22.30 -27.95
C GLU A 461 -15.95 22.81 -29.07
N ALA A 462 -15.92 24.11 -29.32
CA ALA A 462 -16.79 24.67 -30.34
C ALA A 462 -16.46 24.09 -31.71
N THR A 463 -15.16 23.99 -32.04
CA THR A 463 -14.80 23.48 -33.38
C THR A 463 -15.01 21.98 -33.47
N ASP A 464 -14.74 21.27 -32.39
CA ASP A 464 -15.09 19.86 -32.37
C ASP A 464 -16.61 19.67 -32.61
N ASN A 465 -17.47 20.35 -31.87
CA ASN A 465 -18.91 20.24 -32.11
C ASN A 465 -19.30 20.60 -33.56
N ASP A 466 -18.61 21.57 -34.16
CA ASP A 466 -18.96 21.97 -35.52
C ASP A 466 -18.44 20.99 -36.56
N LEU A 467 -17.29 20.36 -36.28
CA LEU A 467 -16.81 19.28 -37.14
C LEU A 467 -17.67 18.00 -37.10
N ARG A 468 -18.19 17.63 -35.93
CA ARG A 468 -19.10 16.48 -35.83
C ARG A 468 -20.37 16.76 -36.64
N ALA A 469 -20.88 17.99 -36.61
CA ALA A 469 -22.10 18.30 -37.35
C ALA A 469 -21.93 18.27 -38.87
N LYS A 470 -20.75 18.63 -39.35
CA LYS A 470 -20.52 18.78 -40.79
C LYS A 470 -19.90 17.54 -41.44
N PHE A 471 -19.00 16.88 -40.73
CA PHE A 471 -18.23 15.73 -41.25
C PHE A 471 -18.50 14.51 -40.37
N LYS A 472 -19.78 14.28 -40.12
CA LYS A 472 -20.33 13.13 -39.39
C LYS A 472 -19.50 11.84 -39.50
N GLU A 473 -19.31 11.35 -40.74
CA GLU A 473 -18.47 10.18 -41.01
C GLU A 473 -16.97 10.40 -40.73
N ARG A 474 -16.39 11.47 -41.27
CA ARG A 474 -14.94 11.63 -41.19
C ARG A 474 -14.52 11.98 -39.75
N TRP A 475 -15.45 12.45 -38.94
CA TRP A 475 -15.11 12.95 -37.61
C TRP A 475 -15.87 12.24 -36.49
N GLN A 476 -15.30 11.12 -36.02
CA GLN A 476 -15.85 10.41 -34.86
C GLN A 476 -14.77 10.04 -33.81
N ARG A 477 -14.38 11.05 -33.03
CA ARG A 477 -13.70 10.81 -31.77
C ARG A 477 -14.70 11.14 -30.67
N THR A 478 -14.46 10.63 -29.47
CA THR A 478 -15.29 11.00 -28.33
C THR A 478 -15.31 12.54 -28.25
N PRO A 479 -16.50 13.12 -28.05
CA PRO A 479 -16.66 14.58 -28.01
C PRO A 479 -15.72 15.28 -27.01
N SER A 480 -15.50 16.58 -27.20
CA SER A 480 -14.64 17.34 -26.30
C SER A 480 -15.28 17.47 -24.93
N ASN A 481 -16.57 17.80 -24.92
CA ASN A 481 -17.40 17.82 -23.71
C ASN A 481 -17.01 16.74 -22.70
N GLU A 482 -16.84 15.51 -23.17
CA GLU A 482 -16.58 14.40 -22.26
C GLU A 482 -15.12 14.33 -21.81
N LEU A 483 -14.18 14.53 -22.73
CA LEU A 483 -12.77 14.59 -22.34
C LEU A 483 -12.47 15.71 -21.35
N TYR A 484 -13.21 16.82 -21.44
CA TYR A 484 -12.89 18.01 -20.68
C TYR A 484 -13.55 18.13 -19.30
N LYS A 485 -14.68 17.45 -19.09
CA LYS A 485 -15.36 17.51 -17.78
C LYS A 485 -14.47 17.37 -16.51
N PRO A 486 -13.47 16.45 -16.52
CA PRO A 486 -12.48 16.40 -15.41
C PRO A 486 -11.74 17.71 -15.17
N LEU A 487 -11.28 18.36 -16.24
CA LEU A 487 -10.61 19.65 -16.12
C LEU A 487 -11.57 20.77 -15.74
N ARG A 488 -12.74 20.80 -16.38
CA ARG A 488 -13.80 21.76 -16.06
C ARG A 488 -14.25 21.72 -14.60
N ALA A 489 -14.09 20.56 -13.94
CA ALA A 489 -14.42 20.38 -12.54
C ALA A 489 -13.34 21.01 -11.66
N GLU A 490 -12.07 20.84 -12.04
CA GLU A 490 -11.00 21.59 -11.39
C GLU A 490 -11.24 23.08 -11.56
N GLY A 491 -11.70 23.47 -12.74
CA GLY A 491 -12.11 24.85 -13.03
C GLY A 491 -13.05 25.45 -11.99
N THR A 492 -14.22 24.86 -11.80
CA THR A 492 -15.23 25.42 -10.88
C THR A 492 -14.77 25.36 -9.43
N ASN A 493 -13.90 24.39 -9.16
CA ASN A 493 -13.18 24.27 -7.90
C ASN A 493 -12.36 25.54 -7.66
N PHE A 494 -11.40 25.81 -8.54
CA PHE A 494 -10.56 27.01 -8.44
C PHE A 494 -11.40 28.27 -8.26
N ARG A 495 -12.52 28.33 -8.96
CA ARG A 495 -13.47 29.42 -8.84
C ARG A 495 -13.89 29.61 -7.37
N THR A 496 -14.30 28.52 -6.73
CA THR A 496 -14.71 28.56 -5.34
C THR A 496 -13.58 29.08 -4.45
N VAL A 497 -12.36 28.64 -4.72
CA VAL A 497 -11.17 29.12 -4.00
C VAL A 497 -11.02 30.63 -4.13
N LEU A 498 -11.13 31.14 -5.36
CA LEU A 498 -10.97 32.57 -5.61
C LEU A 498 -12.01 33.43 -4.91
N ASP A 499 -13.22 32.90 -4.73
CA ASP A 499 -14.32 33.61 -4.06
C ASP A 499 -14.07 33.79 -2.57
N LYS A 500 -13.55 32.75 -1.93
CA LYS A 500 -13.21 32.75 -0.51
C LYS A 500 -12.00 33.68 -0.28
N ALA A 501 -11.13 33.79 -1.28
CA ALA A 501 -10.02 34.71 -1.25
C ALA A 501 -10.50 36.16 -1.30
N VAL A 502 -11.45 36.44 -2.21
CA VAL A 502 -12.09 37.78 -2.30
C VAL A 502 -12.74 38.18 -0.97
N GLN A 503 -13.49 37.26 -0.38
CA GLN A 503 -14.08 37.51 0.93
C GLN A 503 -13.00 37.88 1.94
N ALA A 504 -11.90 37.14 1.94
CA ALA A 504 -10.74 37.44 2.77
C ALA A 504 -10.06 38.80 2.46
N ASP A 505 -10.00 39.18 1.18
CA ASP A 505 -9.58 40.55 0.83
C ASP A 505 -10.48 41.60 1.47
N GLY A 506 -11.78 41.31 1.49
CA GLY A 506 -12.77 42.17 2.14
C GLY A 506 -12.39 42.46 3.58
N GLN A 507 -12.16 41.42 4.37
CA GLN A 507 -11.84 41.56 5.79
C GLN A 507 -10.62 42.42 5.98
N VAL A 508 -9.63 42.23 5.11
CA VAL A 508 -8.37 42.95 5.22
C VAL A 508 -8.52 44.40 4.76
N LYS A 509 -9.30 44.65 3.70
CA LYS A 509 -9.57 46.03 3.29
C LYS A 509 -10.29 46.81 4.39
N GLU A 510 -11.40 46.26 4.87
CA GLU A 510 -12.20 46.85 5.96
C GLU A 510 -11.34 47.19 7.19
N CYS A 511 -10.46 46.27 7.56
CA CYS A 511 -9.57 46.46 8.71
C CYS A 511 -8.56 47.59 8.45
N TYR A 512 -8.01 47.63 7.25
CA TYR A 512 -6.96 48.58 6.87
C TYR A 512 -7.44 50.01 6.87
N GLN A 513 -8.59 50.27 6.26
CA GLN A 513 -9.12 51.63 6.24
C GLN A 513 -9.69 52.06 7.59
N SER A 514 -10.14 51.08 8.37
CA SER A 514 -10.62 51.33 9.73
C SER A 514 -9.48 51.59 10.73
N HIS A 515 -8.24 51.29 10.35
CA HIS A 515 -7.11 51.48 11.26
C HIS A 515 -5.98 52.34 10.66
N ARG A 516 -6.17 52.77 9.42
CA ARG A 516 -5.14 53.55 8.71
C ARG A 516 -4.59 54.75 9.52
N ASP A 517 -5.49 55.61 9.98
CA ASP A 517 -5.13 56.95 10.45
C ASP A 517 -4.34 56.90 11.75
N THR A 518 -4.80 56.07 12.68
CA THR A 518 -4.13 55.90 13.96
C THR A 518 -2.73 55.33 13.73
N ILE A 519 -2.59 54.43 12.77
CA ILE A 519 -1.29 53.90 12.41
C ILE A 519 -0.36 55.02 11.88
N VAL A 520 -0.90 55.91 11.03
CA VAL A 520 -0.14 57.04 10.46
C VAL A 520 0.46 57.94 11.56
N LEU A 521 -0.30 58.13 12.63
CA LEU A 521 0.16 58.87 13.78
C LEU A 521 1.36 58.16 14.45
N LEU A 522 1.14 56.92 14.86
CA LEU A 522 2.19 56.09 15.46
C LEU A 522 3.53 56.12 14.71
N CYS A 523 3.49 56.33 13.39
CA CYS A 523 4.69 56.34 12.57
C CYS A 523 5.39 57.70 12.46
N LYS A 524 4.79 58.74 13.03
CA LYS A 524 5.36 60.08 12.98
C LYS A 524 6.61 60.15 13.87
N PRO A 525 7.65 60.90 13.43
CA PRO A 525 8.86 61.12 14.26
C PRO A 525 8.53 61.58 15.68
N GLU A 526 9.38 61.22 16.63
CA GLU A 526 9.11 61.39 18.07
C GLU A 526 8.62 62.78 18.58
N PRO A 527 9.27 63.89 18.15
CA PRO A 527 8.68 65.18 18.60
C PRO A 527 7.28 65.45 18.03
N GLU A 528 7.10 65.21 16.73
CA GLU A 528 5.79 65.33 16.08
C GLU A 528 4.75 64.41 16.74
N LEU A 529 5.13 63.17 17.02
CA LEU A 529 4.22 62.24 17.69
C LEU A 529 3.79 62.77 19.06
N ASN A 530 4.75 63.31 19.81
CA ASN A 530 4.46 63.79 21.14
C ASN A 530 3.42 64.90 21.14
N ALA A 531 3.57 65.84 20.20
CA ALA A 531 2.67 66.99 20.05
C ALA A 531 1.22 66.60 19.75
N ALA A 532 1.01 65.39 19.27
CA ALA A 532 -0.32 64.97 18.88
C ALA A 532 -1.04 64.17 19.97
N ILE A 533 -0.27 63.77 20.99
CA ILE A 533 -0.85 63.11 22.18
C ILE A 533 -1.13 64.22 23.20
N PRO A 534 -2.36 64.29 23.73
CA PRO A 534 -2.67 65.33 24.70
C PRO A 534 -1.81 65.17 25.96
N SER A 535 -1.39 66.30 26.55
CA SER A 535 -0.75 66.30 27.86
C SER A 535 -1.77 66.23 28.99
N ALA A 536 -1.29 65.84 30.17
CA ALA A 536 -2.10 65.73 31.37
C ALA A 536 -1.23 65.94 32.61
N ASN A 537 -1.87 66.09 33.76
CA ASN A 537 -1.15 66.14 35.02
C ASN A 537 -0.85 64.73 35.49
N PRO A 538 0.39 64.50 35.95
CA PRO A 538 0.69 63.25 36.65
C PRO A 538 -0.07 63.22 37.98
N ALA A 539 -0.63 62.07 38.31
CA ALA A 539 -1.11 61.82 39.66
C ALA A 539 0.12 61.39 40.48
N LYS A 540 0.79 62.38 41.04
CA LYS A 540 2.18 62.31 41.51
C LYS A 540 2.59 61.18 42.47
N THR A 541 1.62 60.51 43.08
CA THR A 541 1.90 59.41 44.02
C THR A 541 2.26 58.11 43.27
N MET A 542 2.96 58.29 42.15
CA MET A 542 3.48 57.19 41.35
C MET A 542 5.00 57.11 41.48
N GLN A 543 5.49 57.30 42.70
CA GLN A 543 6.92 57.17 43.00
C GLN A 543 7.34 55.70 42.96
N GLY A 544 7.26 55.03 44.12
CA GLY A 544 7.56 53.61 44.24
C GLY A 544 6.37 52.81 44.75
N SER A 545 5.18 53.20 44.29
CA SER A 545 3.90 52.55 44.65
C SER A 545 3.99 51.04 44.45
N GLU A 546 3.54 50.28 45.45
CA GLU A 546 3.67 48.82 45.40
C GLU A 546 2.72 48.18 44.40
N VAL A 547 1.56 48.80 44.20
CA VAL A 547 0.58 48.35 43.19
C VAL A 547 1.19 48.50 41.79
N VAL A 548 2.14 49.41 41.65
CA VAL A 548 2.86 49.63 40.40
C VAL A 548 3.91 48.54 40.16
N ASN A 549 4.75 48.29 41.17
CA ASN A 549 5.80 47.27 41.07
C ASN A 549 5.29 45.86 40.79
N VAL A 550 4.11 45.55 41.33
CA VAL A 550 3.41 44.30 41.05
C VAL A 550 2.96 44.26 39.58
N LEU A 551 2.26 45.32 39.14
CA LEU A 551 1.84 45.43 37.74
C LEU A 551 3.04 45.33 36.81
N LYS A 552 4.09 46.10 37.10
CA LYS A 552 5.34 46.07 36.35
C LYS A 552 5.86 44.63 36.19
N SER A 553 5.92 43.90 37.31
CA SER A 553 6.44 42.54 37.35
C SER A 553 5.49 41.53 36.69
N LEU A 554 4.19 41.63 36.96
CA LEU A 554 3.18 40.80 36.29
C LEU A 554 3.23 41.00 34.77
N LEU A 555 3.34 42.26 34.34
CA LEU A 555 3.45 42.59 32.91
C LEU A 555 4.77 42.13 32.32
N SER A 556 5.82 42.08 33.13
CA SER A 556 7.12 41.66 32.65
C SER A 556 7.12 40.17 32.34
N ASN A 557 6.48 39.40 33.21
CA ASN A 557 6.36 37.97 33.04
C ASN A 557 5.34 37.60 31.97
N LEU A 558 4.31 38.44 31.80
CA LEU A 558 3.40 38.24 30.67
C LEU A 558 4.14 38.48 29.37
N ASP A 559 5.04 39.46 29.37
CA ASP A 559 5.94 39.70 28.24
C ASP A 559 6.83 38.49 27.94
N GLU A 560 7.53 38.01 28.97
CA GLU A 560 8.38 36.81 28.94
C GLU A 560 7.63 35.66 28.25
N VAL A 561 6.42 35.40 28.72
CA VAL A 561 5.53 34.37 28.17
C VAL A 561 5.24 34.50 26.67
N LYS A 562 5.06 35.72 26.19
CA LYS A 562 4.71 35.87 24.77
C LYS A 562 5.92 35.88 23.82
N LYS A 563 7.09 36.30 24.31
CA LYS A 563 8.34 36.17 23.56
C LYS A 563 8.78 34.72 23.46
N GLU A 564 8.51 33.94 24.51
CA GLU A 564 8.80 32.51 24.52
C GLU A 564 7.93 31.72 23.52
N ARG A 565 6.77 32.26 23.17
CA ARG A 565 5.88 31.63 22.20
C ARG A 565 6.45 31.59 20.80
N GLU A 566 7.38 32.49 20.52
CA GLU A 566 7.99 32.63 19.20
C GLU A 566 8.98 31.50 18.92
N GLY A 567 9.84 31.20 19.89
CA GLY A 567 10.76 30.06 19.84
C GLY A 567 10.03 28.72 19.85
N LEU A 568 9.00 28.61 20.69
CA LEU A 568 8.13 27.44 20.68
C LEU A 568 7.55 27.17 19.29
N GLU A 569 7.02 28.21 18.66
CA GLU A 569 6.47 28.09 17.32
C GLU A 569 7.51 27.68 16.30
N ASN A 570 8.70 28.26 16.39
CA ASN A 570 9.75 28.00 15.42
C ASN A 570 10.32 26.59 15.54
N ASP A 571 10.45 26.10 16.78
CA ASP A 571 10.94 24.76 17.03
C ASP A 571 9.88 23.73 16.69
N LEU A 572 8.62 24.08 16.92
CA LEU A 572 7.51 23.23 16.54
C LEU A 572 7.56 22.96 15.04
N LYS A 573 8.04 23.95 14.30
CA LYS A 573 8.03 23.96 12.84
C LYS A 573 9.30 23.43 12.21
N SER A 574 10.44 23.64 12.86
CA SER A 574 11.74 23.29 12.29
C SER A 574 12.14 21.80 12.40
N VAL A 575 11.52 21.08 13.34
CA VAL A 575 11.84 19.70 13.56
C VAL A 575 10.95 18.78 12.72
N ASN A 576 11.50 17.65 12.30
CA ASN A 576 10.68 16.55 11.81
C ASN A 576 11.39 15.20 11.84
N PHE A 577 10.56 14.17 11.92
CA PHE A 577 11.03 12.83 11.93
C PHE A 577 10.57 12.14 10.66
N ASP A 578 11.53 11.56 9.94
CA ASP A 578 11.24 10.67 8.83
C ASP A 578 10.82 9.34 9.43
N MET A 579 9.67 8.84 9.00
CA MET A 579 8.98 7.79 9.69
C MET A 579 9.01 6.46 8.92
N THR A 580 9.49 6.51 7.67
CA THR A 580 9.53 5.37 6.76
C THR A 580 10.25 4.18 7.39
N SER A 581 11.48 4.42 7.83
CA SER A 581 12.34 3.40 8.39
C SER A 581 11.67 2.66 9.55
N LYS A 582 10.92 3.39 10.38
CA LYS A 582 10.19 2.80 11.50
C LYS A 582 9.13 1.85 10.98
N PHE A 583 8.42 2.27 9.94
CA PHE A 583 7.36 1.47 9.34
C PHE A 583 7.95 0.26 8.62
N LEU A 584 9.10 0.44 7.96
CA LEU A 584 9.81 -0.67 7.35
C LEU A 584 10.03 -1.77 8.38
N THR A 585 10.58 -1.39 9.53
CA THR A 585 10.81 -2.31 10.64
C THR A 585 9.51 -2.96 11.10
N ALA A 586 8.50 -2.16 11.41
CA ALA A 586 7.22 -2.69 11.92
C ALA A 586 6.56 -3.70 10.97
N LEU A 587 6.88 -3.59 9.68
CA LEU A 587 6.29 -4.46 8.67
C LEU A 587 7.14 -5.71 8.42
N ALA A 588 8.46 -5.56 8.47
CA ALA A 588 9.37 -6.67 8.20
C ALA A 588 9.45 -7.65 9.37
N GLN A 589 9.26 -7.14 10.59
CA GLN A 589 9.31 -7.99 11.77
C GLN A 589 7.92 -8.43 12.26
N ASP A 590 6.91 -7.60 12.02
CA ASP A 590 5.52 -7.96 12.35
C ASP A 590 4.69 -8.14 11.09
N GLY A 591 3.44 -8.56 11.28
CA GLY A 591 2.54 -8.86 10.16
C GLY A 591 2.24 -7.64 9.30
N VAL A 592 1.54 -6.67 9.90
CA VAL A 592 1.20 -5.42 9.22
C VAL A 592 1.75 -4.21 9.98
N ILE A 593 1.30 -3.02 9.58
CA ILE A 593 1.68 -1.78 10.23
C ILE A 593 0.50 -1.26 11.06
N ASN A 594 0.77 -1.01 12.34
CA ASN A 594 -0.17 -0.35 13.23
C ASN A 594 0.23 1.11 13.45
N GLU A 595 -0.07 1.96 12.47
CA GLU A 595 0.39 3.35 12.48
C GLU A 595 -0.19 4.19 13.63
N GLU A 596 -1.47 3.99 13.93
CA GLU A 596 -2.16 4.71 15.00
C GLU A 596 -1.31 4.72 16.27
N ALA A 597 -1.06 3.54 16.85
CA ALA A 597 -0.30 3.44 18.10
C ALA A 597 1.19 3.77 17.93
N LEU A 598 1.72 3.56 16.72
CA LEU A 598 3.14 3.75 16.46
C LEU A 598 3.53 5.21 16.24
N SER A 599 2.63 5.98 15.63
CA SER A 599 2.83 7.41 15.37
C SER A 599 2.62 8.26 16.61
N VAL A 600 1.56 7.95 17.36
CA VAL A 600 1.23 8.64 18.60
C VAL A 600 2.41 8.66 19.58
N THR A 601 3.10 7.53 19.72
CA THR A 601 4.27 7.42 20.61
C THR A 601 5.50 8.14 20.05
N GLU A 602 5.59 8.23 18.73
CA GLU A 602 6.68 8.94 18.08
C GLU A 602 6.44 10.47 18.09
N LEU A 603 5.20 10.87 17.83
CA LEU A 603 4.83 12.28 17.93
C LEU A 603 5.04 12.78 19.35
N ASP A 604 4.90 11.89 20.33
CA ASP A 604 5.05 12.26 21.73
C ASP A 604 6.52 12.41 22.13
N ARG A 605 7.39 11.66 21.45
CA ARG A 605 8.83 11.72 21.71
C ARG A 605 9.44 12.95 21.05
N VAL A 606 8.94 13.30 19.87
CA VAL A 606 9.49 14.40 19.10
C VAL A 606 8.86 15.73 19.52
N TYR A 607 7.55 15.72 19.72
CA TYR A 607 6.79 16.96 19.96
C TYR A 607 6.28 17.12 21.39
N GLY A 608 6.46 16.10 22.21
CA GLY A 608 5.97 16.14 23.59
C GLY A 608 6.60 17.23 24.44
N GLY A 609 7.90 17.47 24.22
CA GLY A 609 8.65 18.47 24.99
C GLY A 609 8.12 19.85 24.69
N LEU A 610 7.58 20.01 23.50
CA LEU A 610 7.03 21.27 23.05
C LEU A 610 5.53 21.42 23.35
N THR A 611 4.72 20.41 23.03
CA THR A 611 3.27 20.50 23.33
C THR A 611 3.00 20.67 24.82
N THR A 612 3.92 20.17 25.63
CA THR A 612 3.88 20.39 27.09
C THR A 612 4.02 21.87 27.42
N LYS A 613 5.10 22.48 26.93
CA LYS A 613 5.37 23.90 27.18
C LYS A 613 4.27 24.84 26.69
N VAL A 614 3.68 24.50 25.53
CA VAL A 614 2.58 25.27 24.93
C VAL A 614 1.37 25.28 25.87
N GLN A 615 1.04 24.12 26.45
CA GLN A 615 -0.07 24.04 27.41
C GLN A 615 0.26 24.79 28.72
N GLU A 616 1.52 24.72 29.12
CA GLU A 616 1.99 25.47 30.29
C GLU A 616 1.94 26.98 30.04
N SER A 617 2.09 27.39 28.78
CA SER A 617 1.96 28.80 28.37
C SER A 617 0.54 29.35 28.60
N LEU A 618 -0.47 28.69 28.02
CA LEU A 618 -1.88 29.06 28.23
C LEU A 618 -2.29 29.21 29.70
N LYS A 619 -2.02 28.18 30.51
CA LYS A 619 -2.38 28.23 31.95
C LYS A 619 -1.67 29.39 32.65
N LYS A 620 -0.40 29.59 32.29
CA LYS A 620 0.40 30.68 32.83
C LYS A 620 -0.20 32.05 32.43
N GLN A 621 -0.65 32.16 31.17
CA GLN A 621 -1.38 33.36 30.74
C GLN A 621 -2.67 33.58 31.54
N GLU A 622 -3.46 32.52 31.72
CA GLU A 622 -4.74 32.59 32.43
C GLU A 622 -4.54 33.07 33.87
N GLY A 623 -3.50 32.57 34.52
CA GLY A 623 -3.11 33.01 35.85
C GLY A 623 -2.75 34.48 35.85
N LEU A 624 -1.87 34.86 34.92
CA LEU A 624 -1.38 36.23 34.83
C LEU A 624 -2.45 37.28 34.53
N LEU A 625 -3.36 36.96 33.60
CA LEU A 625 -4.43 37.90 33.23
C LEU A 625 -5.47 38.11 34.33
N LYS A 626 -5.80 37.03 35.04
CA LYS A 626 -6.76 37.07 36.14
C LYS A 626 -6.36 38.13 37.17
N ASN A 627 -5.16 37.99 37.73
CA ASN A 627 -4.72 38.91 38.77
C ASN A 627 -4.04 40.19 38.27
N ILE A 628 -3.81 40.29 36.95
CA ILE A 628 -3.47 41.59 36.35
C ILE A 628 -4.68 42.50 36.39
N GLN A 629 -5.86 41.92 36.20
CA GLN A 629 -7.12 42.67 36.16
C GLN A 629 -7.65 43.06 37.54
N VAL A 630 -7.36 42.25 38.55
CA VAL A 630 -7.72 42.58 39.94
C VAL A 630 -6.69 43.56 40.51
N SER A 631 -5.48 43.51 39.97
CA SER A 631 -4.41 44.39 40.39
C SER A 631 -4.57 45.78 39.77
N HIS A 632 -5.00 45.82 38.50
CA HIS A 632 -5.27 47.08 37.80
C HIS A 632 -6.49 47.80 38.39
N GLN A 633 -7.55 47.04 38.64
CA GLN A 633 -8.79 47.55 39.24
C GLN A 633 -8.50 48.35 40.52
N GLU A 634 -7.51 47.90 41.29
CA GLU A 634 -7.01 48.63 42.46
C GLU A 634 -6.17 49.84 42.04
N PHE A 635 -5.31 49.66 41.05
CA PHE A 635 -4.42 50.73 40.57
C PHE A 635 -5.18 51.98 40.09
N SER A 636 -6.31 51.77 39.44
CA SER A 636 -7.10 52.87 38.88
C SER A 636 -7.82 53.69 39.95
N LYS A 637 -8.12 53.06 41.08
CA LYS A 637 -8.76 53.72 42.22
C LYS A 637 -7.88 54.81 42.83
N MET A 638 -6.57 54.63 42.77
CA MET A 638 -5.62 55.56 43.38
C MET A 638 -5.42 56.85 42.57
N LYS A 639 -5.55 56.76 41.26
CA LYS A 639 -5.24 57.90 40.39
C LYS A 639 -6.43 58.39 39.53
N GLN A 640 -6.95 59.57 39.89
CA GLN A 640 -8.31 60.01 39.54
C GLN A 640 -8.65 60.30 38.07
N SER A 641 -9.93 60.63 37.85
CA SER A 641 -10.48 60.86 36.52
C SER A 641 -10.91 62.30 36.27
N ASN A 642 -10.13 62.97 35.42
CA ASN A 642 -10.50 64.24 34.81
C ASN A 642 -10.37 64.09 33.29
N ASN A 643 -10.90 65.06 32.55
CA ASN A 643 -11.00 64.96 31.10
C ASN A 643 -9.68 65.12 30.34
N GLU A 644 -8.70 65.79 30.96
CA GLU A 644 -7.37 66.02 30.39
C GLU A 644 -6.58 64.71 30.30
N ALA A 645 -6.78 63.84 31.30
CA ALA A 645 -6.13 62.54 31.36
C ALA A 645 -7.00 61.43 30.79
N ASN A 646 -8.31 61.67 30.67
CA ASN A 646 -9.21 60.78 29.94
C ASN A 646 -8.90 60.81 28.45
N LEU A 647 -8.69 62.01 27.91
CA LEU A 647 -8.32 62.21 26.52
C LEU A 647 -6.96 61.58 26.21
N ARG A 648 -5.95 61.91 27.00
CA ARG A 648 -4.65 61.31 26.90
C ARG A 648 -4.76 59.79 27.03
N GLU A 649 -5.68 59.37 27.89
CA GLU A 649 -5.91 57.97 28.17
C GLU A 649 -6.43 57.25 26.94
N GLU A 650 -7.45 57.80 26.28
CA GLU A 650 -7.92 57.18 25.05
C GLU A 650 -6.84 57.17 23.96
N VAL A 651 -6.12 58.27 23.81
CA VAL A 651 -5.13 58.37 22.74
C VAL A 651 -4.09 57.28 22.90
N LEU A 652 -3.63 57.10 24.13
CA LEU A 652 -2.72 56.03 24.49
C LEU A 652 -3.28 54.62 24.23
N LYS A 653 -4.45 54.28 24.78
CA LYS A 653 -5.11 53.00 24.43
C LYS A 653 -5.22 52.81 22.92
N ASN A 654 -5.60 53.86 22.22
CA ASN A 654 -5.75 53.78 20.77
C ASN A 654 -4.40 53.66 20.04
N LEU A 655 -3.35 54.25 20.58
CA LEU A 655 -2.03 54.04 19.99
C LEU A 655 -1.50 52.61 20.18
N ALA A 656 -1.84 52.00 21.32
CA ALA A 656 -1.39 50.63 21.57
C ALA A 656 -2.16 49.69 20.65
N THR A 657 -3.44 49.98 20.47
CA THR A 657 -4.29 49.19 19.58
C THR A 657 -3.81 49.34 18.14
N ALA A 658 -3.32 50.52 17.78
CA ALA A 658 -2.75 50.76 16.46
C ALA A 658 -1.55 49.88 16.19
N TYR A 659 -0.75 49.59 17.21
CA TYR A 659 0.43 48.77 17.03
C TYR A 659 0.01 47.35 16.74
N ASP A 660 -0.88 46.81 17.57
CA ASP A 660 -1.44 45.48 17.34
C ASP A 660 -2.00 45.33 15.96
N ASN A 661 -2.61 46.40 15.44
CA ASN A 661 -3.22 46.33 14.11
C ASN A 661 -2.21 46.37 12.97
N PHE A 662 -1.20 47.21 13.07
CA PHE A 662 -0.12 47.19 12.09
C PHE A 662 0.45 45.79 12.01
N VAL A 663 0.64 45.16 13.16
CA VAL A 663 1.28 43.84 13.24
C VAL A 663 0.37 42.72 12.67
N GLU A 664 -0.93 42.79 12.99
CA GLU A 664 -1.94 41.84 12.53
C GLU A 664 -2.15 41.96 11.00
N LEU A 665 -2.12 43.19 10.51
CA LEU A 665 -2.34 43.52 9.10
C LEU A 665 -1.16 43.14 8.20
N VAL A 666 0.05 43.45 8.64
CA VAL A 666 1.22 43.06 7.88
C VAL A 666 1.20 41.57 7.67
N ALA A 667 0.86 40.82 8.72
CA ALA A 667 0.80 39.36 8.66
C ALA A 667 -0.33 38.81 7.78
N ASN A 668 -1.52 39.39 7.90
CA ASN A 668 -2.64 39.05 7.03
C ASN A 668 -2.34 39.37 5.57
N LEU A 669 -1.68 40.51 5.34
CA LEU A 669 -1.35 40.93 3.99
C LEU A 669 -0.22 40.11 3.38
N LYS A 670 0.60 39.49 4.22
CA LYS A 670 1.62 38.60 3.70
C LYS A 670 1.06 37.20 3.43
N GLU A 671 0.23 36.71 4.34
CA GLU A 671 -0.53 35.49 4.11
C GLU A 671 -1.28 35.61 2.78
N GLY A 672 -2.02 36.68 2.60
CA GLY A 672 -2.68 36.95 1.32
C GLY A 672 -1.77 36.89 0.12
N THR A 673 -0.61 37.55 0.22
CA THR A 673 0.33 37.58 -0.89
C THR A 673 0.86 36.18 -1.24
N LYS A 674 1.39 35.49 -0.24
CA LYS A 674 1.92 34.13 -0.42
C LYS A 674 0.86 33.23 -1.05
N PHE A 675 -0.37 33.29 -0.53
CA PHE A 675 -1.49 32.53 -1.07
C PHE A 675 -1.68 32.79 -2.55
N TYR A 676 -1.82 34.06 -2.90
CA TYR A 676 -2.03 34.48 -4.29
C TYR A 676 -0.83 34.17 -5.18
N ASN A 677 0.36 34.07 -4.59
CA ASN A 677 1.56 33.68 -5.35
C ASN A 677 1.65 32.18 -5.59
N GLU A 678 1.41 31.40 -4.54
CA GLU A 678 1.41 29.95 -4.65
C GLU A 678 0.22 29.46 -5.49
N LEU A 679 -0.83 30.28 -5.58
CA LEU A 679 -1.97 29.96 -6.43
C LEU A 679 -1.69 30.20 -7.91
N THR A 680 -0.77 31.10 -8.20
CA THR A 680 -0.32 31.28 -9.58
C THR A 680 0.50 30.06 -10.00
N GLU A 681 1.31 29.52 -9.11
CA GLU A 681 1.99 28.24 -9.36
C GLU A 681 1.03 27.14 -9.83
N ILE A 682 0.01 26.89 -9.01
CA ILE A 682 -0.94 25.81 -9.25
C ILE A 682 -1.68 26.05 -10.56
N LEU A 683 -1.99 27.31 -10.84
CA LEU A 683 -2.77 27.69 -12.02
C LEU A 683 -1.96 27.75 -13.33
N VAL A 684 -0.65 27.98 -13.25
CA VAL A 684 0.20 27.89 -14.45
C VAL A 684 0.24 26.44 -14.95
N ARG A 685 0.36 25.50 -14.01
CA ARG A 685 0.30 24.07 -14.31
C ARG A 685 -1.03 23.70 -14.96
N PHE A 686 -2.12 24.24 -14.39
CA PHE A 686 -3.46 23.99 -14.90
C PHE A 686 -3.61 24.54 -16.32
N GLN A 687 -2.98 25.67 -16.60
CA GLN A 687 -3.00 26.25 -17.93
C GLN A 687 -2.27 25.35 -18.93
N ASN A 688 -1.24 24.67 -18.44
CA ASN A 688 -0.48 23.75 -19.27
C ASN A 688 -1.21 22.44 -19.51
N LYS A 689 -1.88 21.92 -18.49
CA LYS A 689 -2.68 20.72 -18.63
C LYS A 689 -3.81 20.97 -19.63
N CYS A 690 -4.30 22.19 -19.69
CA CYS A 690 -5.33 22.56 -20.66
C CYS A 690 -4.76 22.71 -22.07
N SER A 691 -3.63 23.41 -22.23
CA SER A 691 -3.04 23.58 -23.57
C SER A 691 -2.50 22.26 -24.17
N ASP A 692 -2.12 21.32 -23.30
CA ASP A 692 -1.64 20.01 -23.71
C ASP A 692 -2.77 19.13 -24.24
N ILE A 693 -3.92 19.15 -23.58
CA ILE A 693 -5.06 18.33 -23.96
C ILE A 693 -5.77 18.88 -25.21
N VAL A 694 -5.59 20.17 -25.48
CA VAL A 694 -6.13 20.79 -26.68
C VAL A 694 -5.17 20.61 -27.86
N PHE A 695 -3.88 20.41 -27.58
CA PHE A 695 -2.87 20.17 -28.62
C PHE A 695 -2.86 18.72 -29.10
N ALA A 696 -3.18 17.79 -28.20
CA ALA A 696 -3.27 16.35 -28.53
C ALA A 696 -4.57 16.02 -29.29
N ARG A 697 -5.68 16.59 -28.82
CA ARG A 697 -7.00 16.42 -29.44
C ARG A 697 -7.05 17.08 -30.81
N GLU B 1 -9.88 30.42 9.90
CA GLU B 1 -8.89 30.70 8.82
C GLU B 1 -9.26 31.92 7.97
N LEU B 2 -8.27 32.77 7.72
CA LEU B 2 -8.45 33.93 6.84
C LEU B 2 -8.45 33.51 5.37
N TYR B 3 -7.27 33.31 4.80
CA TYR B 3 -7.15 32.84 3.42
C TYR B 3 -7.21 31.31 3.38
N PRO B 4 -7.81 30.74 2.30
CA PRO B 4 -7.99 29.30 2.25
C PRO B 4 -6.68 28.60 1.91
N LEU B 5 -5.75 28.62 2.85
CA LEU B 5 -4.48 27.91 2.73
C LEU B 5 -4.69 26.39 2.78
N ALA B 6 -5.88 25.97 3.23
CA ALA B 6 -6.25 24.56 3.31
C ALA B 6 -6.60 24.02 1.92
N SER B 7 -7.46 24.75 1.22
CA SER B 7 -7.80 24.45 -0.17
C SER B 7 -6.60 24.52 -1.10
N LEU B 8 -5.72 25.50 -0.88
CA LEU B 8 -4.56 25.70 -1.74
C LEU B 8 -3.53 24.57 -1.62
N ARG B 9 -3.22 24.16 -0.39
CA ARG B 9 -2.20 23.14 -0.12
C ARG B 9 -2.52 21.75 -0.68
N SER B 10 -3.79 21.35 -0.63
CA SER B 10 -4.24 20.07 -1.21
C SER B 10 -4.59 20.27 -2.69
N LEU B 11 -3.59 20.67 -3.48
CA LEU B 11 -3.77 21.03 -4.88
C LEU B 11 -2.42 21.40 -5.51
#